data_9VDM
#
_entry.id   9VDM
#
_cell.length_a   1.00
_cell.length_b   1.00
_cell.length_c   1.00
_cell.angle_alpha   90.00
_cell.angle_beta   90.00
_cell.angle_gamma   90.00
#
_symmetry.space_group_name_H-M   'P 1'
#
loop_
_entity.id
_entity.type
_entity.pdbx_description
1 polymer 'Probable phospholipid-transporting ATPase IIA'
2 non-polymer 'MAGNESIUM ION'
3 non-polymer O-[(R)-{[(2R)-2,3-bis(octadecanoyloxy)propyl]oxy}(hydroxy)phosphoryl]-L-serine
4 non-polymer CHOLESTEROL
#
_entity_poly.entity_id   1
_entity_poly.type   'polypeptide(L)'
_entity_poly.pdbx_seq_one_letter_code
;GGEARPRTVWLGHPEKRDQRYPRNVINNQKYNFFTFLPGVLFNQFKYFFNLYFLLLACSQFVPEMRLGALYTYWVPLGFV
LAVTVIREAVEEIRCYVRDKEVNSQVYSRLTARGTVKVKSSNIQVGDLIIVEKNQRVPADMIFLRTSEKNGSCFLRTDQL
DGETDWKLRLPVACTQRLPTAADLLQIRSYVYAEEPNIDIHNFVGTFTREDSDPPISESLSIENTLWAGTVVASGTVVGV
VLYTGRELRSVMNTSNPRSKIGLFDLEVNCLTKILFGALVVVSLVMVALQHFAGRWYLQIIRFLLLFSNIIPISLRVNLD
MGKIVYSWVIRRDSKIPGTVVRSSTIPEQLGRISYLLTDKTGTLTQNEMIFKRLHLGTVAYGLDSMDEVQSHIFSIYTQQ
SQDPPAQKGPTLTTKVRRTMSSRVHEAVKAIALCHNVTPVYESNGVTDQAEAEKQYEDSCRVYQASSPDEVALVQWTESV
GLTLVGRDQSSMQLRTPGDQILNFTILQIFPFTYESKRMGIIVRDESTGEITFYMKGADVVMAGIVQYNDWLEEECGNMA
REGLRVLVVAKKSLAEEQYQDFEARYVQAKLSVHDRSLKVATVIESLEMEMELLCLTGVEDQLQADVRPTLETLRNAGIK
VWMLTGDKLETATCTAKNAHLVTRNQDIHVFRLVTNRGEAHLELNAFRRKHDCALVISGDSLEVCLKYYEYEFMELACQC
PAVVCCRCAPTQKAQIVRLLQERTGKLTCAVGDGGNDVSMIQESDCGVGVEGKEGKQASLAADFSITQFKHLGRLLMVHG
RNSYKRSAALSQFVIHRSLCISTMQAVFSSVFYFASVPLYQGFLIIGYSTIYTMFPVFSLVLDKDVKSEVAMLYPELYKD
LLKGRPLSYKTFLIWVLISIYQGSTIMYGALLLFESEFVHIVAISFTSLILTELLMVALTIQTWHWLMTVAELLSLACYI
ASLVFLHEFIDVYFIATLSFLWKVSVITLVSCLPLYVLKYLRRRFSPPSYSKLTS
;
_entity_poly.pdbx_strand_id   A
#
# COMPACT_ATOMS: atom_id res chain seq x y z
N GLY A 1 -13.64 22.25 -9.01
CA GLY A 1 -14.79 22.84 -9.65
C GLY A 1 -14.81 24.36 -9.58
N GLY A 2 -14.71 24.89 -8.36
CA GLY A 2 -14.69 26.32 -8.14
C GLY A 2 -13.66 26.71 -7.12
N GLU A 3 -13.42 28.01 -7.03
CA GLU A 3 -12.45 28.53 -6.07
C GLU A 3 -12.94 28.32 -4.64
N ALA A 4 -12.00 28.06 -3.74
CA ALA A 4 -12.34 27.77 -2.35
C ALA A 4 -12.70 29.06 -1.61
N ARG A 5 -13.82 29.04 -0.91
CA ARG A 5 -14.30 30.17 -0.14
C ARG A 5 -14.76 29.71 1.23
N PRO A 6 -14.66 30.57 2.24
CA PRO A 6 -15.22 30.23 3.56
C PRO A 6 -16.73 30.08 3.48
N ARG A 7 -17.26 29.20 4.32
CA ARG A 7 -18.67 28.86 4.27
C ARG A 7 -19.31 29.10 5.63
N THR A 8 -20.50 29.69 5.61
CA THR A 8 -21.30 29.88 6.81
C THR A 8 -22.31 28.74 6.86
N VAL A 9 -22.10 27.81 7.78
CA VAL A 9 -22.92 26.60 7.88
C VAL A 9 -23.85 26.76 9.06
N TRP A 10 -25.16 26.80 8.79
CA TRP A 10 -26.15 26.91 9.85
C TRP A 10 -26.42 25.53 10.44
N LEU A 11 -26.53 25.48 11.77
CA LEU A 11 -26.78 24.23 12.46
C LEU A 11 -28.17 23.72 12.09
N GLY A 12 -28.23 22.58 11.42
CA GLY A 12 -29.49 22.09 10.89
C GLY A 12 -29.89 22.91 9.68
N HIS A 13 -31.07 22.58 9.16
CA HIS A 13 -31.63 23.25 7.99
C HIS A 13 -30.61 23.25 6.84
N PRO A 14 -30.35 22.09 6.20
CA PRO A 14 -29.35 22.03 5.12
C PRO A 14 -29.83 22.64 3.81
N GLU A 15 -30.43 23.83 3.89
CA GLU A 15 -30.91 24.53 2.72
C GLU A 15 -30.49 25.99 2.65
N LYS A 16 -30.11 26.62 3.76
CA LYS A 16 -29.67 28.02 3.75
C LYS A 16 -28.22 28.08 3.28
N ARG A 17 -28.05 27.81 1.99
CA ARG A 17 -26.75 27.74 1.35
C ARG A 17 -26.74 28.61 0.10
N ASP A 18 -25.55 29.10 -0.25
CA ASP A 18 -25.37 29.90 -1.46
C ASP A 18 -24.69 29.13 -2.58
N GLN A 19 -23.84 28.16 -2.27
CA GLN A 19 -23.16 27.35 -3.26
C GLN A 19 -23.55 25.89 -3.09
N ARG A 20 -23.86 25.24 -4.21
CA ARG A 20 -24.22 23.82 -4.16
C ARG A 20 -23.01 22.98 -3.79
N TYR A 21 -23.21 22.02 -2.89
CA TYR A 21 -22.11 21.23 -2.38
C TYR A 21 -22.13 19.82 -2.98
N PRO A 22 -20.95 19.21 -3.15
CA PRO A 22 -20.90 17.88 -3.75
C PRO A 22 -21.54 16.82 -2.86
N ARG A 23 -22.08 15.80 -3.50
CA ARG A 23 -22.66 14.67 -2.78
C ARG A 23 -21.58 13.92 -2.00
N ASN A 24 -21.93 13.50 -0.79
CA ASN A 24 -20.97 12.82 0.09
C ASN A 24 -20.80 11.39 -0.39
N VAL A 25 -19.91 11.22 -1.36
CA VAL A 25 -19.66 9.92 -1.97
C VAL A 25 -18.16 9.77 -2.18
N ILE A 26 -17.62 8.61 -1.79
CA ILE A 26 -16.23 8.26 -2.05
C ILE A 26 -16.21 7.39 -3.31
N ASN A 27 -15.54 7.88 -4.35
CA ASN A 27 -15.54 7.22 -5.64
C ASN A 27 -14.10 6.92 -6.06
N ASN A 28 -13.81 5.64 -6.26
CA ASN A 28 -12.53 5.19 -6.80
C ASN A 28 -12.62 4.84 -8.27
N GLN A 29 -13.75 5.09 -8.91
CA GLN A 29 -13.93 4.78 -10.32
C GLN A 29 -13.03 5.66 -11.18
N LYS A 30 -12.66 5.14 -12.35
CA LYS A 30 -11.81 5.86 -13.28
C LYS A 30 -12.61 6.75 -14.23
N TYR A 31 -13.75 6.27 -14.70
CA TYR A 31 -14.56 7.00 -15.67
C TYR A 31 -16.03 6.97 -15.27
N ASN A 32 -16.76 7.99 -15.69
CA ASN A 32 -18.19 8.06 -15.51
C ASN A 32 -18.88 7.41 -16.71
N PHE A 33 -20.21 7.57 -16.80
CA PHE A 33 -20.93 7.04 -17.96
C PHE A 33 -20.49 7.73 -19.25
N PHE A 34 -20.33 9.05 -19.20
CA PHE A 34 -20.08 9.81 -20.43
C PHE A 34 -18.64 9.63 -20.90
N THR A 35 -17.68 9.68 -19.98
CA THR A 35 -16.27 9.65 -20.32
C THR A 35 -15.68 8.24 -20.35
N PHE A 36 -16.52 7.21 -20.20
CA PHE A 36 -16.02 5.83 -20.23
C PHE A 36 -15.45 5.49 -21.59
N LEU A 37 -16.28 5.55 -22.64
CA LEU A 37 -15.82 5.14 -23.97
C LEU A 37 -14.68 5.99 -24.50
N PRO A 38 -14.75 7.33 -24.52
CA PRO A 38 -13.59 8.09 -25.02
C PRO A 38 -12.32 7.84 -24.24
N GLY A 39 -12.42 7.71 -22.91
CA GLY A 39 -11.23 7.46 -22.11
C GLY A 39 -10.60 6.12 -22.41
N VAL A 40 -11.41 5.07 -22.50
CA VAL A 40 -10.88 3.75 -22.82
C VAL A 40 -10.27 3.74 -24.22
N LEU A 41 -10.96 4.34 -25.19
CA LEU A 41 -10.44 4.37 -26.56
C LEU A 41 -9.11 5.11 -26.63
N PHE A 42 -9.01 6.25 -25.96
CA PHE A 42 -7.75 7.00 -26.01
C PHE A 42 -6.64 6.28 -25.26
N ASN A 43 -6.95 5.72 -24.09
CA ASN A 43 -5.94 5.00 -23.32
C ASN A 43 -5.47 3.74 -24.03
N GLN A 44 -6.29 3.15 -24.91
CA GLN A 44 -5.86 2.01 -25.70
C GLN A 44 -5.06 2.42 -26.94
N PHE A 45 -5.57 3.39 -27.71
CA PHE A 45 -4.97 3.75 -29.00
C PHE A 45 -3.97 4.89 -28.90
N LYS A 46 -3.42 5.15 -27.71
CA LYS A 46 -2.39 6.17 -27.59
C LYS A 46 -0.98 5.62 -27.78
N TYR A 47 -0.85 4.32 -27.98
CA TYR A 47 0.44 3.66 -28.13
C TYR A 47 0.59 3.12 -29.55
N PHE A 48 1.85 2.92 -29.95
CA PHE A 48 2.16 2.45 -31.30
C PHE A 48 1.55 1.09 -31.56
N PHE A 49 1.65 0.19 -30.58
CA PHE A 49 1.17 -1.18 -30.72
C PHE A 49 -0.30 -1.23 -31.13
N ASN A 50 -1.15 -0.48 -30.42
CA ASN A 50 -2.58 -0.52 -30.72
C ASN A 50 -2.97 0.39 -31.88
N LEU A 51 -2.22 1.46 -32.13
CA LEU A 51 -2.50 2.38 -33.22
C LEU A 51 -2.09 1.81 -34.57
N TYR A 52 -1.17 0.84 -34.57
CA TYR A 52 -0.76 0.15 -35.79
C TYR A 52 -1.96 -0.50 -36.46
N PHE A 53 -2.83 -1.11 -35.65
CA PHE A 53 -4.00 -1.80 -36.16
C PHE A 53 -4.95 -0.81 -36.82
N LEU A 54 -5.13 0.36 -36.20
CA LEU A 54 -5.98 1.39 -36.76
C LEU A 54 -5.41 1.92 -38.07
N LEU A 55 -4.10 2.12 -38.12
CA LEU A 55 -3.46 2.60 -39.35
C LEU A 55 -3.61 1.57 -40.46
N LEU A 56 -3.52 0.30 -40.13
CA LEU A 56 -3.73 -0.77 -41.10
C LEU A 56 -5.17 -0.76 -41.61
N ALA A 57 -6.13 -0.73 -40.69
CA ALA A 57 -7.54 -0.84 -41.03
C ALA A 57 -8.04 0.35 -41.84
N CYS A 58 -7.62 1.55 -41.47
CA CYS A 58 -8.09 2.77 -42.13
C CYS A 58 -7.72 2.79 -43.61
N SER A 59 -6.55 2.23 -43.94
CA SER A 59 -6.05 2.24 -45.31
C SER A 59 -6.98 1.48 -46.27
N GLN A 60 -7.83 0.61 -45.73
CA GLN A 60 -8.74 -0.18 -46.56
C GLN A 60 -9.87 0.65 -47.13
N PHE A 61 -9.90 1.94 -46.83
CA PHE A 61 -10.92 2.83 -47.35
C PHE A 61 -10.54 3.49 -48.68
N VAL A 62 -9.26 3.57 -49.00
CA VAL A 62 -8.80 4.14 -50.26
C VAL A 62 -8.86 3.05 -51.33
N PRO A 63 -9.66 3.24 -52.40
CA PRO A 63 -9.77 2.17 -53.40
C PRO A 63 -8.44 1.80 -54.05
N GLU A 64 -7.56 2.77 -54.25
CA GLU A 64 -6.24 2.48 -54.80
C GLU A 64 -5.33 1.81 -53.79
N MET A 65 -5.76 1.75 -52.52
CA MET A 65 -5.01 1.11 -51.44
C MET A 65 -5.51 -0.28 -51.07
N ARG A 66 -6.77 -0.62 -51.35
CA ARG A 66 -7.37 -1.81 -50.79
C ARG A 66 -6.57 -3.06 -51.14
N LEU A 67 -6.32 -3.89 -50.12
CA LEU A 67 -5.59 -5.14 -50.29
C LEU A 67 -6.19 -6.16 -49.34
N GLY A 68 -6.60 -7.30 -49.88
CA GLY A 68 -7.21 -8.33 -49.07
C GLY A 68 -8.67 -8.02 -48.76
N ALA A 69 -9.30 -8.97 -48.06
CA ALA A 69 -10.70 -8.81 -47.73
C ALA A 69 -10.88 -7.72 -46.67
N LEU A 70 -12.08 -7.14 -46.65
CA LEU A 70 -12.38 -6.09 -45.68
C LEU A 70 -12.62 -6.66 -44.28
N TYR A 71 -13.22 -7.84 -44.19
CA TYR A 71 -13.55 -8.43 -42.91
C TYR A 71 -12.33 -8.98 -42.17
N THR A 72 -11.17 -9.06 -42.83
CA THR A 72 -9.96 -9.56 -42.18
C THR A 72 -9.24 -8.48 -41.40
N TYR A 73 -9.46 -7.20 -41.72
CA TYR A 73 -8.80 -6.11 -41.02
C TYR A 73 -9.56 -5.61 -39.81
N TRP A 74 -10.88 -5.80 -39.76
CA TRP A 74 -11.71 -5.21 -38.71
C TRP A 74 -12.24 -6.21 -37.70
N VAL A 75 -12.43 -7.48 -38.09
CA VAL A 75 -12.90 -8.48 -37.15
C VAL A 75 -11.89 -8.71 -36.02
N PRO A 76 -10.59 -8.90 -36.28
CA PRO A 76 -9.66 -9.08 -35.15
C PRO A 76 -9.53 -7.83 -34.28
N LEU A 77 -9.39 -6.66 -34.90
CA LEU A 77 -9.34 -5.43 -34.13
C LEU A 77 -10.65 -5.18 -33.38
N GLY A 78 -11.78 -5.54 -34.00
CA GLY A 78 -13.05 -5.46 -33.29
C GLY A 78 -13.09 -6.35 -32.07
N PHE A 79 -12.56 -7.58 -32.20
CA PHE A 79 -12.50 -8.48 -31.06
C PHE A 79 -11.62 -7.92 -29.94
N VAL A 80 -10.46 -7.37 -30.31
CA VAL A 80 -9.57 -6.78 -29.30
C VAL A 80 -10.26 -5.62 -28.60
N LEU A 81 -10.90 -4.74 -29.37
CA LEU A 81 -11.61 -3.61 -28.78
C LEU A 81 -12.72 -4.07 -27.86
N ALA A 82 -13.48 -5.08 -28.28
CA ALA A 82 -14.59 -5.58 -27.49
C ALA A 82 -14.15 -6.30 -26.23
N VAL A 83 -12.97 -6.92 -26.23
CA VAL A 83 -12.51 -7.59 -25.02
C VAL A 83 -11.96 -6.54 -24.05
N THR A 84 -11.27 -5.51 -24.58
CA THR A 84 -10.76 -4.46 -23.72
C THR A 84 -11.90 -3.67 -23.07
N VAL A 85 -12.92 -3.32 -23.86
CA VAL A 85 -14.05 -2.58 -23.32
C VAL A 85 -14.78 -3.40 -22.25
N ILE A 86 -14.97 -4.69 -22.51
CA ILE A 86 -15.64 -5.55 -21.54
C ILE A 86 -14.84 -5.64 -20.25
N ARG A 87 -13.52 -5.83 -20.36
CA ARG A 87 -12.68 -5.92 -19.17
C ARG A 87 -12.75 -4.63 -18.35
N GLU A 88 -12.61 -3.48 -19.02
CA GLU A 88 -12.67 -2.20 -18.31
C GLU A 88 -14.03 -1.97 -17.67
N ALA A 89 -15.11 -2.30 -18.39
CA ALA A 89 -16.45 -2.11 -17.85
C ALA A 89 -16.66 -2.97 -16.60
N VAL A 90 -16.26 -4.24 -16.67
CA VAL A 90 -16.39 -5.12 -15.51
C VAL A 90 -15.58 -4.60 -14.34
N GLU A 91 -14.37 -4.10 -14.60
CA GLU A 91 -13.60 -3.45 -13.56
C GLU A 91 -14.37 -2.30 -12.93
N GLU A 92 -15.05 -1.50 -13.74
CA GLU A 92 -15.82 -0.38 -13.20
C GLU A 92 -17.00 -0.84 -12.35
N ILE A 93 -17.73 -1.87 -12.79
CA ILE A 93 -18.84 -2.34 -11.95
C ILE A 93 -18.33 -2.91 -10.64
N ARG A 94 -17.20 -3.63 -10.67
CA ARG A 94 -16.66 -4.16 -9.43
C ARG A 94 -16.21 -3.04 -8.50
N CYS A 95 -15.58 -1.99 -9.05
CA CYS A 95 -15.17 -0.85 -8.22
C CYS A 95 -16.38 -0.17 -7.61
N TYR A 96 -17.45 0.03 -8.39
CA TYR A 96 -18.65 0.68 -7.88
C TYR A 96 -19.30 -0.15 -6.78
N VAL A 97 -19.35 -1.47 -6.97
CA VAL A 97 -19.92 -2.34 -5.94
C VAL A 97 -19.08 -2.28 -4.68
N ARG A 98 -17.75 -2.31 -4.81
CA ARG A 98 -16.87 -2.24 -3.66
C ARG A 98 -16.94 -0.89 -2.95
N ASP A 99 -17.26 0.18 -3.67
CA ASP A 99 -17.48 1.49 -3.04
C ASP A 99 -18.84 1.58 -2.37
N LYS A 100 -19.84 0.82 -2.83
CA LYS A 100 -21.16 0.85 -2.23
C LYS A 100 -21.18 0.51 -0.74
N GLU A 101 -20.30 -0.37 -0.26
CA GLU A 101 -20.33 -0.72 1.15
C GLU A 101 -19.99 0.49 2.02
N VAL A 102 -18.99 1.27 1.61
CA VAL A 102 -18.67 2.49 2.35
C VAL A 102 -19.75 3.55 2.14
N ASN A 103 -20.24 3.69 0.91
CA ASN A 103 -21.17 4.76 0.61
C ASN A 103 -22.59 4.48 1.10
N SER A 104 -22.86 3.28 1.62
CA SER A 104 -24.19 2.91 2.08
C SER A 104 -24.24 2.66 3.58
N GLN A 105 -23.27 3.19 4.33
CA GLN A 105 -23.30 3.06 5.78
C GLN A 105 -24.48 3.84 6.36
N VAL A 106 -25.01 3.34 7.47
CA VAL A 106 -26.26 3.83 8.04
C VAL A 106 -25.96 4.74 9.22
N TYR A 107 -26.61 5.90 9.26
CA TYR A 107 -26.46 6.85 10.35
C TYR A 107 -27.83 7.42 10.69
N SER A 108 -27.86 8.36 11.64
CA SER A 108 -29.10 8.98 12.06
C SER A 108 -28.92 10.49 12.14
N ARG A 109 -29.98 11.22 11.80
CA ARG A 109 -29.98 12.68 11.88
C ARG A 109 -31.14 13.16 12.74
N LEU A 110 -31.02 14.39 13.22
CA LEU A 110 -32.03 14.99 14.08
C LEU A 110 -32.95 15.88 13.25
N THR A 111 -34.25 15.66 13.39
CA THR A 111 -35.26 16.48 12.73
C THR A 111 -36.20 17.06 13.78
N ALA A 112 -37.03 18.02 13.33
CA ALA A 112 -37.99 18.64 14.24
C ALA A 112 -39.01 17.64 14.77
N ARG A 113 -39.31 16.58 14.02
CA ARG A 113 -40.25 15.56 14.44
C ARG A 113 -39.58 14.40 15.17
N GLY A 114 -38.26 14.40 15.27
CA GLY A 114 -37.54 13.31 15.90
C GLY A 114 -36.39 12.82 15.05
N THR A 115 -35.61 11.88 15.56
CA THR A 115 -34.48 11.35 14.81
C THR A 115 -34.97 10.43 13.70
N VAL A 116 -34.23 10.43 12.59
CA VAL A 116 -34.53 9.57 11.45
C VAL A 116 -33.22 8.97 10.94
N LYS A 117 -33.34 7.80 10.30
CA LYS A 117 -32.19 7.01 9.90
C LYS A 117 -31.94 7.19 8.41
N VAL A 118 -30.74 7.66 8.05
CA VAL A 118 -30.37 7.88 6.66
C VAL A 118 -28.98 7.31 6.40
N LYS A 119 -28.63 7.21 5.11
CA LYS A 119 -27.39 6.60 4.69
C LYS A 119 -26.26 7.64 4.68
N SER A 120 -25.04 7.15 4.44
CA SER A 120 -23.87 8.02 4.45
C SER A 120 -23.79 8.88 3.19
N SER A 121 -24.34 8.40 2.08
CA SER A 121 -24.26 9.15 0.83
C SER A 121 -25.12 10.40 0.87
N ASN A 122 -26.28 10.33 1.52
CA ASN A 122 -27.24 11.42 1.54
C ASN A 122 -26.93 12.47 2.60
N ILE A 123 -25.72 12.45 3.17
CA ILE A 123 -25.37 13.40 4.22
C ILE A 123 -25.01 14.73 3.59
N GLN A 124 -25.72 15.79 3.97
CA GLN A 124 -25.56 17.11 3.40
C GLN A 124 -24.84 18.02 4.39
N VAL A 125 -24.19 19.06 3.87
CA VAL A 125 -23.49 20.00 4.72
C VAL A 125 -24.52 20.77 5.56
N GLY A 126 -24.29 20.81 6.86
CA GLY A 126 -25.23 21.41 7.80
C GLY A 126 -26.13 20.42 8.50
N ASP A 127 -26.03 19.13 8.17
CA ASP A 127 -26.87 18.12 8.80
C ASP A 127 -26.32 17.75 10.18
N LEU A 128 -27.23 17.44 11.09
CA LEU A 128 -26.86 16.98 12.43
C LEU A 128 -26.92 15.46 12.45
N ILE A 129 -25.77 14.81 12.25
CA ILE A 129 -25.67 13.36 12.13
C ILE A 129 -25.11 12.81 13.43
N ILE A 130 -25.79 11.81 13.99
CA ILE A 130 -25.36 11.17 15.22
C ILE A 130 -24.35 10.08 14.88
N VAL A 131 -23.20 10.10 15.55
CA VAL A 131 -22.16 9.08 15.40
C VAL A 131 -22.01 8.36 16.73
N GLU A 132 -22.11 7.04 16.71
CA GLU A 132 -22.02 6.23 17.91
C GLU A 132 -20.58 5.77 18.13
N LYS A 133 -20.37 5.02 19.21
CA LYS A 133 -19.04 4.54 19.55
C LYS A 133 -18.56 3.50 18.56
N ASN A 134 -17.25 3.46 18.33
CA ASN A 134 -16.62 2.53 17.39
C ASN A 134 -17.25 2.59 16.02
N GLN A 135 -17.63 3.79 15.58
CA GLN A 135 -18.23 4.01 14.27
C GLN A 135 -17.41 5.04 13.50
N ARG A 136 -17.16 4.75 12.23
CA ARG A 136 -16.39 5.65 11.38
C ARG A 136 -17.18 6.93 11.15
N VAL A 137 -16.51 8.08 11.35
CA VAL A 137 -17.13 9.38 11.12
C VAL A 137 -17.32 9.54 9.61
N PRO A 138 -18.56 9.73 9.14
CA PRO A 138 -18.79 9.73 7.69
C PRO A 138 -18.28 10.96 6.98
N ALA A 139 -18.50 12.13 7.55
CA ALA A 139 -18.14 13.40 6.94
C ALA A 139 -17.46 14.29 7.97
N ASP A 140 -16.80 15.34 7.48
CA ASP A 140 -16.15 16.30 8.37
C ASP A 140 -17.20 17.01 9.21
N MET A 141 -16.91 17.18 10.50
CA MET A 141 -17.92 17.60 11.45
C MET A 141 -17.32 18.59 12.44
N ILE A 142 -18.18 19.16 13.28
CA ILE A 142 -17.79 19.98 14.41
C ILE A 142 -18.42 19.37 15.66
N PHE A 143 -17.58 19.11 16.67
CA PHE A 143 -18.05 18.46 17.89
C PHE A 143 -19.01 19.39 18.62
N LEU A 144 -20.28 18.99 18.71
CA LEU A 144 -21.31 19.78 19.37
C LEU A 144 -21.67 19.26 20.74
N ARG A 145 -22.03 17.98 20.85
CA ARG A 145 -22.52 17.42 22.10
C ARG A 145 -22.12 15.96 22.19
N THR A 146 -21.83 15.52 23.41
CA THR A 146 -21.53 14.12 23.70
C THR A 146 -22.38 13.65 24.87
N SER A 147 -22.62 12.34 24.92
CA SER A 147 -23.43 11.77 25.98
C SER A 147 -22.65 11.51 27.26
N GLU A 148 -21.33 11.65 27.22
CA GLU A 148 -20.51 11.44 28.41
C GLU A 148 -20.59 12.64 29.34
N LYS A 149 -20.56 12.37 30.64
CA LYS A 149 -20.73 13.40 31.66
C LYS A 149 -19.51 14.29 31.82
N ASN A 150 -18.33 13.84 31.38
CA ASN A 150 -17.14 14.67 31.47
C ASN A 150 -17.03 15.68 30.33
N GLY A 151 -17.97 15.66 29.39
CA GLY A 151 -17.98 16.64 28.32
C GLY A 151 -16.81 16.55 27.36
N SER A 152 -16.46 15.34 26.92
CA SER A 152 -15.37 15.15 25.97
C SER A 152 -15.52 13.80 25.31
N CYS A 153 -14.63 13.52 24.37
CA CYS A 153 -14.60 12.23 23.68
C CYS A 153 -13.21 12.01 23.13
N PHE A 154 -12.92 10.75 22.80
CA PHE A 154 -11.64 10.34 22.25
C PHE A 154 -11.83 9.91 20.79
N LEU A 155 -10.86 10.25 19.95
CA LEU A 155 -10.91 9.93 18.54
C LEU A 155 -9.71 9.08 18.15
N ARG A 156 -9.96 8.05 17.35
CA ARG A 156 -8.91 7.23 16.75
C ARG A 156 -8.73 7.67 15.31
N THR A 157 -7.60 8.30 15.01
CA THR A 157 -7.32 8.84 13.68
C THR A 157 -6.29 8.00 12.92
N ASP A 158 -6.21 6.70 13.24
CA ASP A 158 -5.23 5.84 12.59
C ASP A 158 -5.47 5.72 11.09
N GLN A 159 -6.71 5.92 10.64
CA GLN A 159 -7.05 5.84 9.22
C GLN A 159 -7.02 7.20 8.55
N LEU A 160 -6.65 8.26 9.25
CA LEU A 160 -6.57 9.61 8.70
C LEU A 160 -5.15 10.14 8.62
N ASP A 161 -4.36 10.00 9.69
CA ASP A 161 -2.97 10.42 9.66
C ASP A 161 -2.00 9.36 10.17
N GLY A 162 -2.48 8.15 10.48
CA GLY A 162 -1.61 7.08 10.90
C GLY A 162 -0.93 7.29 12.23
N GLU A 163 -1.62 7.90 13.19
CA GLU A 163 -1.07 8.10 14.53
C GLU A 163 -1.80 7.22 15.53
N THR A 164 -1.02 6.51 16.36
CA THR A 164 -1.58 5.58 17.32
C THR A 164 -2.19 6.27 18.54
N ASP A 165 -1.79 7.51 18.84
CA ASP A 165 -2.34 8.20 19.99
C ASP A 165 -3.81 8.55 19.74
N TRP A 166 -4.61 8.46 20.80
CA TRP A 166 -5.99 8.91 20.72
C TRP A 166 -6.06 10.42 20.87
N LYS A 167 -6.95 11.04 20.10
CA LYS A 167 -7.09 12.49 20.09
C LYS A 167 -8.27 12.89 20.97
N LEU A 168 -7.99 13.72 21.97
CA LEU A 168 -9.04 14.20 22.87
C LEU A 168 -9.73 15.40 22.24
N ARG A 169 -11.03 15.29 22.02
CA ARG A 169 -11.80 16.31 21.34
C ARG A 169 -12.88 16.87 22.26
N LEU A 170 -12.98 18.20 22.30
CA LEU A 170 -13.94 18.87 23.17
C LEU A 170 -15.10 19.42 22.36
N PRO A 171 -16.32 19.30 22.85
CA PRO A 171 -17.49 19.79 22.10
C PRO A 171 -17.61 21.30 22.15
N VAL A 172 -18.61 21.84 21.44
CA VAL A 172 -18.94 23.25 21.56
C VAL A 172 -19.57 23.49 22.92
N ALA A 173 -19.06 24.49 23.64
CA ALA A 173 -19.50 24.72 25.01
C ALA A 173 -20.98 25.09 25.07
N CYS A 174 -21.45 25.91 24.14
CA CYS A 174 -22.85 26.33 24.16
C CYS A 174 -23.79 25.14 23.95
N THR A 175 -23.47 24.28 22.97
CA THR A 175 -24.35 23.16 22.67
C THR A 175 -24.26 22.04 23.70
N GLN A 176 -23.15 21.97 24.45
CA GLN A 176 -23.01 20.92 25.45
C GLN A 176 -23.98 21.10 26.60
N ARG A 177 -24.27 22.35 26.98
CA ARG A 177 -25.07 22.63 28.17
C ARG A 177 -26.57 22.63 27.91
N LEU A 178 -27.01 22.37 26.68
CA LEU A 178 -28.43 22.36 26.41
C LEU A 178 -29.09 21.18 27.12
N PRO A 179 -30.31 21.36 27.64
CA PRO A 179 -30.93 20.29 28.43
C PRO A 179 -31.13 18.98 27.68
N THR A 180 -31.40 19.03 26.39
CA THR A 180 -31.71 17.83 25.62
C THR A 180 -31.09 17.93 24.24
N ALA A 181 -30.96 16.77 23.58
CA ALA A 181 -30.41 16.72 22.24
C ALA A 181 -31.35 17.33 21.21
N ALA A 182 -32.63 17.50 21.54
CA ALA A 182 -33.56 18.11 20.58
C ALA A 182 -33.47 19.63 20.57
N ASP A 183 -32.66 20.23 21.45
CA ASP A 183 -32.65 21.68 21.60
C ASP A 183 -31.80 22.38 20.54
N LEU A 184 -30.86 21.68 19.90
CA LEU A 184 -30.05 22.33 18.88
C LEU A 184 -30.84 22.69 17.63
N LEU A 185 -32.07 22.19 17.49
CA LEU A 185 -32.89 22.52 16.33
C LEU A 185 -33.76 23.75 16.55
N GLN A 186 -33.78 24.31 17.76
CA GLN A 186 -34.55 25.51 18.06
C GLN A 186 -33.65 26.70 18.41
N ILE A 187 -32.42 26.70 17.95
CA ILE A 187 -31.48 27.79 18.19
C ILE A 187 -30.93 28.26 16.85
N ARG A 188 -30.89 29.59 16.67
CA ARG A 188 -30.37 30.19 15.45
C ARG A 188 -28.85 30.29 15.56
N SER A 189 -28.19 29.16 15.38
CA SER A 189 -26.74 29.08 15.50
C SER A 189 -26.15 28.64 14.16
N TYR A 190 -24.96 29.14 13.85
CA TYR A 190 -24.27 28.79 12.63
C TYR A 190 -22.77 28.67 12.92
N VAL A 191 -22.08 27.98 12.02
CA VAL A 191 -20.64 27.78 12.11
C VAL A 191 -20.02 28.41 10.87
N TYR A 192 -19.07 29.31 11.07
CA TYR A 192 -18.31 29.93 9.98
C TYR A 192 -17.01 29.15 9.84
N ALA A 193 -16.91 28.35 8.78
CA ALA A 193 -15.79 27.45 8.58
C ALA A 193 -14.87 27.98 7.47
N GLU A 194 -13.59 27.66 7.59
CA GLU A 194 -12.62 28.06 6.59
C GLU A 194 -12.83 27.24 5.31
N GLU A 195 -12.18 27.70 4.24
CA GLU A 195 -12.29 27.02 2.96
C GLU A 195 -11.67 25.62 3.03
N PRO A 196 -12.24 24.65 2.32
CA PRO A 196 -11.68 23.29 2.37
C PRO A 196 -10.26 23.26 1.83
N ASN A 197 -9.32 22.92 2.71
CA ASN A 197 -7.91 22.86 2.36
C ASN A 197 -7.38 21.45 2.66
N ILE A 198 -6.13 21.22 2.29
CA ILE A 198 -5.53 19.89 2.42
C ILE A 198 -5.04 19.60 3.83
N ASP A 199 -4.82 20.63 4.65
CA ASP A 199 -4.32 20.41 6.01
C ASP A 199 -5.34 19.64 6.85
N ILE A 200 -4.86 18.67 7.61
CA ILE A 200 -5.72 17.81 8.41
C ILE A 200 -5.62 18.11 9.91
N HIS A 201 -4.53 18.70 10.38
CA HIS A 201 -4.33 18.94 11.80
C HIS A 201 -4.65 20.37 12.22
N ASN A 202 -5.23 21.17 11.33
CA ASN A 202 -5.54 22.55 11.64
C ASN A 202 -6.96 22.88 11.15
N PHE A 203 -7.58 23.84 11.82
CA PHE A 203 -8.92 24.29 11.46
C PHE A 203 -9.17 25.64 12.12
N VAL A 204 -9.60 26.62 11.34
CA VAL A 204 -9.97 27.94 11.85
C VAL A 204 -11.44 28.14 11.59
N GLY A 205 -12.20 28.38 12.66
CA GLY A 205 -13.64 28.54 12.52
C GLY A 205 -14.19 29.41 13.62
N THR A 206 -15.51 29.57 13.62
CA THR A 206 -16.19 30.38 14.61
C THR A 206 -17.62 29.90 14.75
N PHE A 207 -18.04 29.64 15.99
CA PHE A 207 -19.41 29.25 16.29
C PHE A 207 -20.14 30.46 16.86
N THR A 208 -21.31 30.77 16.29
CA THR A 208 -22.10 31.92 16.72
C THR A 208 -23.53 31.49 16.96
N ARG A 209 -24.08 31.87 18.11
CA ARG A 209 -25.48 31.63 18.44
C ARG A 209 -26.18 32.97 18.58
N GLU A 210 -27.13 33.24 17.68
CA GLU A 210 -27.82 34.52 17.69
C GLU A 210 -29.05 34.52 18.59
N ASP A 211 -29.51 33.34 19.03
CA ASP A 211 -30.73 33.27 19.84
C ASP A 211 -30.55 33.96 21.18
N SER A 212 -29.40 33.75 21.84
CA SER A 212 -29.16 34.32 23.15
C SER A 212 -29.17 35.85 23.09
N ASP A 213 -29.72 36.47 24.14
CA ASP A 213 -29.72 37.93 24.20
C ASP A 213 -28.31 38.51 24.16
N PRO A 214 -27.33 38.01 24.93
CA PRO A 214 -25.94 38.29 24.62
C PRO A 214 -25.43 37.32 23.58
N PRO A 215 -25.09 37.78 22.38
CA PRO A 215 -24.57 36.86 21.35
C PRO A 215 -23.31 36.17 21.83
N ILE A 216 -23.25 34.87 21.60
CA ILE A 216 -22.13 34.03 22.04
C ILE A 216 -21.34 33.61 20.81
N SER A 217 -20.03 33.90 20.83
CA SER A 217 -19.14 33.54 19.74
C SER A 217 -17.99 32.73 20.31
N GLU A 218 -17.77 31.55 19.74
CA GLU A 218 -16.67 30.69 20.14
C GLU A 218 -15.66 30.57 18.99
N SER A 219 -14.38 30.55 19.35
CA SER A 219 -13.32 30.32 18.37
C SER A 219 -13.03 28.83 18.30
N LEU A 220 -13.27 28.23 17.15
CA LEU A 220 -13.10 26.80 16.95
C LEU A 220 -11.68 26.49 16.46
N SER A 221 -11.17 25.34 16.87
CA SER A 221 -9.85 24.88 16.48
C SER A 221 -9.94 23.40 16.13
N ILE A 222 -8.78 22.76 16.00
CA ILE A 222 -8.74 21.34 15.66
C ILE A 222 -9.33 20.48 16.78
N GLU A 223 -9.38 21.01 18.00
CA GLU A 223 -9.87 20.24 19.14
C GLU A 223 -11.38 20.01 19.11
N ASN A 224 -12.11 20.67 18.21
CA ASN A 224 -13.55 20.52 18.11
C ASN A 224 -13.98 19.82 16.83
N THR A 225 -13.04 19.27 16.07
CA THR A 225 -13.30 18.76 14.73
C THR A 225 -13.25 17.24 14.72
N LEU A 226 -14.26 16.62 14.10
CA LEU A 226 -14.29 15.18 13.88
C LEU A 226 -14.20 14.96 12.38
N TRP A 227 -12.97 14.86 11.87
CA TRP A 227 -12.77 14.67 10.44
C TRP A 227 -13.28 13.29 10.01
N ALA A 228 -13.62 13.20 8.73
CA ALA A 228 -14.10 11.94 8.17
C ALA A 228 -12.97 10.91 8.13
N GLY A 229 -13.34 9.65 8.36
CA GLY A 229 -12.38 8.58 8.44
C GLY A 229 -11.88 8.26 9.83
N THR A 230 -12.11 9.15 10.79
CA THR A 230 -11.78 8.89 12.18
C THR A 230 -12.88 8.04 12.81
N VAL A 231 -12.53 7.38 13.92
CA VAL A 231 -13.44 6.49 14.62
C VAL A 231 -13.66 7.03 16.03
N VAL A 232 -14.92 7.20 16.40
CA VAL A 232 -15.26 7.67 17.75
C VAL A 232 -14.95 6.56 18.74
N ALA A 233 -14.02 6.83 19.66
CA ALA A 233 -13.57 5.80 20.59
C ALA A 233 -14.51 5.65 21.79
N SER A 234 -15.23 6.71 22.16
CA SER A 234 -16.03 6.67 23.37
C SER A 234 -17.29 7.51 23.21
N GLY A 235 -18.43 6.94 23.58
CA GLY A 235 -19.66 7.70 23.69
C GLY A 235 -20.31 8.00 22.35
N THR A 236 -21.50 8.56 22.43
CA THR A 236 -22.26 8.98 21.25
C THR A 236 -22.10 10.49 21.07
N VAL A 237 -21.65 10.90 19.89
CA VAL A 237 -21.38 12.30 19.60
C VAL A 237 -22.37 12.80 18.57
N VAL A 238 -22.62 14.10 18.59
CA VAL A 238 -23.48 14.78 17.63
C VAL A 238 -22.68 15.92 17.01
N GLY A 239 -22.74 16.03 15.69
CA GLY A 239 -21.97 17.04 14.99
C GLY A 239 -22.72 17.63 13.82
N VAL A 240 -22.19 18.75 13.32
CA VAL A 240 -22.73 19.43 12.16
C VAL A 240 -21.74 19.25 11.01
N VAL A 241 -22.25 18.83 9.85
CA VAL A 241 -21.39 18.53 8.71
C VAL A 241 -20.91 19.84 8.09
N LEU A 242 -19.61 19.93 7.84
CA LEU A 242 -19.00 21.08 7.18
C LEU A 242 -18.63 20.79 5.73
N TYR A 243 -18.02 19.63 5.47
CA TYR A 243 -17.59 19.25 4.13
C TYR A 243 -18.17 17.88 3.77
N THR A 244 -18.36 17.66 2.48
CA THR A 244 -18.91 16.41 1.97
C THR A 244 -18.20 16.03 0.69
N GLY A 245 -18.24 14.73 0.37
CA GLY A 245 -17.71 14.27 -0.89
C GLY A 245 -16.23 14.57 -1.05
N ARG A 246 -15.88 15.18 -2.17
CA ARG A 246 -14.50 15.55 -2.42
C ARG A 246 -14.00 16.52 -1.36
N GLU A 247 -14.89 17.35 -0.81
CA GLU A 247 -14.47 18.39 0.12
C GLU A 247 -13.95 17.83 1.45
N LEU A 248 -14.11 16.54 1.69
CA LEU A 248 -13.56 15.93 2.89
C LEU A 248 -12.05 16.08 2.92
N ARG A 249 -11.50 16.28 4.13
CA ARG A 249 -10.06 16.45 4.27
C ARG A 249 -9.30 15.21 3.83
N SER A 250 -9.89 14.03 3.99
CA SER A 250 -9.26 12.81 3.51
C SER A 250 -9.17 12.79 1.99
N VAL A 251 -10.15 13.39 1.31
CA VAL A 251 -10.20 13.30 -0.15
C VAL A 251 -9.28 14.33 -0.79
N MET A 252 -9.14 15.51 -0.18
CA MET A 252 -8.15 16.48 -0.67
C MET A 252 -6.75 15.89 -0.73
N ASN A 253 -6.41 14.99 0.18
CA ASN A 253 -5.11 14.36 0.17
C ASN A 253 -5.05 13.14 -0.73
N THR A 254 -6.15 12.81 -1.40
CA THR A 254 -6.24 11.69 -2.31
C THR A 254 -6.22 12.20 -3.75
N SER A 255 -5.29 11.67 -4.55
CA SER A 255 -5.16 12.07 -5.94
C SER A 255 -6.23 11.39 -6.79
N ASN A 256 -6.38 11.88 -8.01
CA ASN A 256 -7.35 11.30 -8.93
C ASN A 256 -6.88 9.94 -9.42
N PRO A 257 -7.78 8.95 -9.49
CA PRO A 257 -7.39 7.63 -10.01
C PRO A 257 -6.90 7.73 -11.45
N ARG A 258 -5.89 6.91 -11.77
CA ARG A 258 -5.24 6.94 -13.07
C ARG A 258 -5.13 5.52 -13.62
N SER A 259 -5.04 5.43 -14.93
CA SER A 259 -4.79 4.16 -15.61
C SER A 259 -3.30 3.91 -15.69
N LYS A 260 -2.87 2.73 -15.25
CA LYS A 260 -1.45 2.41 -15.14
C LYS A 260 -1.03 1.46 -16.25
N ILE A 261 0.19 1.66 -16.75
CA ILE A 261 0.80 0.79 -17.75
C ILE A 261 2.12 0.28 -17.19
N GLY A 262 2.40 -1.00 -17.42
CA GLY A 262 3.62 -1.59 -16.90
C GLY A 262 4.83 -1.26 -17.76
N LEU A 263 6.00 -1.50 -17.19
CA LEU A 263 7.24 -1.30 -17.94
C LEU A 263 7.41 -2.38 -19.02
N PHE A 264 6.90 -3.58 -18.76
CA PHE A 264 6.93 -4.63 -19.78
C PHE A 264 6.12 -4.23 -21.00
N ASP A 265 4.94 -3.62 -20.79
CA ASP A 265 4.16 -3.13 -21.91
C ASP A 265 4.90 -2.05 -22.68
N LEU A 266 5.59 -1.15 -21.99
CA LEU A 266 6.41 -0.15 -22.66
C LEU A 266 7.54 -0.75 -23.47
N GLU A 267 8.22 -1.79 -22.95
CA GLU A 267 9.26 -2.46 -23.70
C GLU A 267 8.71 -3.16 -24.94
N VAL A 268 7.56 -3.83 -24.83
CA VAL A 268 6.94 -4.45 -25.99
C VAL A 268 6.54 -3.38 -27.01
N ASN A 269 6.05 -2.24 -26.53
CA ASN A 269 5.68 -1.14 -27.42
C ASN A 269 6.90 -0.61 -28.16
N CYS A 270 8.03 -0.50 -27.46
CA CYS A 270 9.27 -0.09 -28.13
C CYS A 270 9.73 -1.12 -29.16
N LEU A 271 9.56 -2.41 -28.86
CA LEU A 271 9.92 -3.44 -29.83
C LEU A 271 9.07 -3.34 -31.09
N THR A 272 7.78 -3.05 -30.92
CA THR A 272 6.92 -2.87 -32.09
C THR A 272 7.37 -1.69 -32.94
N LYS A 273 7.76 -0.58 -32.31
CA LYS A 273 8.30 0.55 -33.07
C LYS A 273 9.58 0.17 -33.80
N ILE A 274 10.44 -0.62 -33.15
CA ILE A 274 11.67 -1.05 -33.82
C ILE A 274 11.33 -1.91 -35.04
N LEU A 275 10.36 -2.81 -34.90
CA LEU A 275 9.96 -3.65 -36.03
C LEU A 275 9.42 -2.81 -37.18
N PHE A 276 8.56 -1.85 -36.87
CA PHE A 276 8.00 -1.01 -37.92
C PHE A 276 9.07 -0.15 -38.59
N GLY A 277 10.02 0.37 -37.80
CA GLY A 277 11.13 1.11 -38.37
C GLY A 277 12.00 0.26 -39.28
N ALA A 278 12.24 -1.00 -38.90
CA ALA A 278 12.98 -1.90 -39.78
C ALA A 278 12.23 -2.13 -41.08
N LEU A 279 10.91 -2.32 -41.00
CA LEU A 279 10.11 -2.46 -42.22
C LEU A 279 10.24 -1.24 -43.11
N VAL A 280 10.15 -0.04 -42.53
CA VAL A 280 10.27 1.18 -43.32
C VAL A 280 11.67 1.32 -43.92
N VAL A 281 12.70 0.89 -43.18
CA VAL A 281 14.07 0.98 -43.71
C VAL A 281 14.23 0.07 -44.93
N VAL A 282 13.77 -1.18 -44.82
CA VAL A 282 13.87 -2.08 -45.98
C VAL A 282 12.98 -1.57 -47.12
N SER A 283 11.92 -0.84 -46.78
CA SER A 283 11.08 -0.25 -47.81
C SER A 283 11.84 0.82 -48.59
N LEU A 284 12.51 1.72 -47.88
CA LEU A 284 13.32 2.74 -48.52
C LEU A 284 14.47 2.15 -49.32
N VAL A 285 15.03 1.03 -48.87
CA VAL A 285 16.06 0.36 -49.65
C VAL A 285 15.48 -0.26 -50.92
N MET A 286 14.35 -0.95 -50.81
CA MET A 286 13.76 -1.62 -51.96
C MET A 286 13.31 -0.64 -53.03
N VAL A 287 12.72 0.49 -52.63
CA VAL A 287 12.36 1.50 -53.63
C VAL A 287 13.60 2.14 -54.25
N ALA A 288 14.62 2.45 -53.45
CA ALA A 288 15.85 3.02 -54.00
C ALA A 288 16.61 2.03 -54.87
N LEU A 289 16.27 0.74 -54.80
CA LEU A 289 16.91 -0.24 -55.67
C LEU A 289 16.62 0.05 -57.15
N GLN A 290 15.38 0.40 -57.47
CA GLN A 290 14.96 0.60 -58.85
C GLN A 290 15.23 2.01 -59.37
N HIS A 291 15.85 2.87 -58.56
CA HIS A 291 16.09 4.27 -58.93
C HIS A 291 14.81 4.99 -59.29
N PHE A 292 13.74 4.68 -58.55
CA PHE A 292 12.46 5.40 -58.62
C PHE A 292 11.73 5.09 -59.92
N ALA A 293 10.53 4.51 -59.83
CA ALA A 293 9.82 4.04 -61.02
C ALA A 293 8.44 4.68 -61.15
N GLY A 294 8.19 5.78 -60.46
CA GLY A 294 6.90 6.44 -60.54
C GLY A 294 5.85 5.81 -59.66
N ARG A 295 5.04 6.64 -59.00
CA ARG A 295 4.04 6.19 -58.03
C ARG A 295 4.69 5.30 -56.96
N TRP A 296 5.86 5.72 -56.49
CA TRP A 296 6.56 5.00 -55.44
C TRP A 296 5.80 4.99 -54.13
N TYR A 297 5.07 6.07 -53.82
CA TYR A 297 4.30 6.13 -52.58
C TYR A 297 3.22 5.05 -52.56
N LEU A 298 2.62 4.75 -53.70
CA LEU A 298 1.63 3.68 -53.75
C LEU A 298 2.28 2.33 -53.49
N GLN A 299 3.34 1.99 -54.23
CA GLN A 299 3.91 0.64 -54.15
C GLN A 299 4.58 0.38 -52.81
N ILE A 300 5.27 1.37 -52.25
CA ILE A 300 5.98 1.14 -50.99
C ILE A 300 4.99 0.87 -49.85
N ILE A 301 3.88 1.61 -49.79
CA ILE A 301 2.91 1.36 -48.72
C ILE A 301 2.04 0.13 -49.03
N ARG A 302 1.85 -0.21 -50.31
CA ARG A 302 1.24 -1.51 -50.64
C ARG A 302 2.11 -2.65 -50.13
N PHE A 303 3.43 -2.53 -50.29
CA PHE A 303 4.33 -3.57 -49.80
C PHE A 303 4.38 -3.58 -48.28
N LEU A 304 4.20 -2.42 -47.65
CA LEU A 304 3.98 -2.37 -46.20
C LEU A 304 2.76 -3.19 -45.82
N LEU A 305 1.65 -3.00 -46.53
CA LEU A 305 0.44 -3.76 -46.25
C LEU A 305 0.66 -5.24 -46.48
N LEU A 306 1.50 -5.60 -47.45
CA LEU A 306 1.79 -7.01 -47.70
C LEU A 306 2.51 -7.64 -46.52
N PHE A 307 3.47 -6.94 -45.93
CA PHE A 307 4.19 -7.40 -44.75
C PHE A 307 3.59 -6.85 -43.46
N SER A 308 2.31 -6.51 -43.46
CA SER A 308 1.68 -5.87 -42.32
C SER A 308 1.59 -6.78 -41.10
N ASN A 309 1.82 -8.08 -41.27
CA ASN A 309 1.71 -9.03 -40.16
C ASN A 309 3.02 -9.23 -39.42
N ILE A 310 4.05 -8.42 -39.70
CA ILE A 310 5.28 -8.50 -38.92
C ILE A 310 5.03 -8.13 -37.47
N ILE A 311 4.00 -7.34 -37.22
CA ILE A 311 3.53 -7.05 -35.86
C ILE A 311 2.14 -7.67 -35.73
N PRO A 312 2.02 -8.83 -35.09
CA PRO A 312 0.76 -9.57 -35.13
C PRO A 312 -0.23 -9.10 -34.08
N ILE A 313 -1.51 -9.26 -34.42
CA ILE A 313 -2.56 -9.02 -33.44
C ILE A 313 -2.60 -10.16 -32.42
N SER A 314 -2.10 -11.34 -32.82
CA SER A 314 -1.98 -12.44 -31.88
C SER A 314 -1.10 -12.07 -30.70
N LEU A 315 -0.13 -11.17 -30.88
CA LEU A 315 0.67 -10.70 -29.75
C LEU A 315 -0.21 -10.03 -28.71
N ARG A 316 -1.05 -9.07 -29.13
CA ARG A 316 -1.93 -8.39 -28.20
C ARG A 316 -2.94 -9.34 -27.58
N VAL A 317 -3.51 -10.23 -28.37
CA VAL A 317 -4.50 -11.17 -27.83
C VAL A 317 -3.86 -12.10 -26.81
N ASN A 318 -2.67 -12.63 -27.13
CA ASN A 318 -1.97 -13.51 -26.21
C ASN A 318 -1.61 -12.80 -24.92
N LEU A 319 -1.13 -11.55 -25.02
CA LEU A 319 -0.80 -10.81 -23.81
C LEU A 319 -2.04 -10.56 -22.96
N ASP A 320 -3.17 -10.23 -23.60
CA ASP A 320 -4.40 -9.97 -22.84
C ASP A 320 -4.87 -11.22 -22.12
N MET A 321 -4.95 -12.35 -22.83
CA MET A 321 -5.38 -13.59 -22.18
C MET A 321 -4.38 -14.04 -21.12
N GLY A 322 -3.08 -13.83 -21.34
CA GLY A 322 -2.11 -14.17 -20.33
C GLY A 322 -2.28 -13.36 -19.06
N LYS A 323 -2.53 -12.05 -19.20
CA LYS A 323 -2.78 -11.22 -18.02
C LYS A 323 -4.06 -11.64 -17.31
N ILE A 324 -5.10 -12.00 -18.07
CA ILE A 324 -6.32 -12.50 -17.44
C ILE A 324 -6.03 -13.77 -16.66
N VAL A 325 -5.24 -14.67 -17.23
CA VAL A 325 -4.89 -15.91 -16.55
C VAL A 325 -4.07 -15.64 -15.29
N TYR A 326 -3.14 -14.67 -15.36
CA TYR A 326 -2.35 -14.32 -14.18
C TYR A 326 -3.25 -13.79 -13.06
N SER A 327 -4.19 -12.93 -13.41
CA SER A 327 -5.13 -12.43 -12.40
C SER A 327 -5.97 -13.56 -11.82
N TRP A 328 -6.45 -14.47 -12.66
CA TRP A 328 -7.23 -15.60 -12.17
C TRP A 328 -6.40 -16.47 -11.23
N VAL A 329 -5.11 -16.65 -11.53
CA VAL A 329 -4.24 -17.42 -10.66
C VAL A 329 -4.02 -16.72 -9.33
N ILE A 330 -3.78 -15.41 -9.36
CA ILE A 330 -3.54 -14.66 -8.13
C ILE A 330 -4.78 -14.70 -7.24
N ARG A 331 -5.95 -14.51 -7.83
CA ARG A 331 -7.18 -14.51 -7.03
C ARG A 331 -7.53 -15.89 -6.46
N ARG A 332 -6.89 -16.95 -6.94
CA ARG A 332 -7.22 -18.31 -6.52
C ARG A 332 -6.13 -18.96 -5.67
N ASP A 333 -5.09 -18.23 -5.29
CA ASP A 333 -4.03 -18.80 -4.47
C ASP A 333 -4.49 -18.93 -3.03
N SER A 334 -4.40 -20.14 -2.48
CA SER A 334 -4.84 -20.41 -1.12
C SER A 334 -3.80 -20.05 -0.06
N LYS A 335 -2.54 -19.85 -0.46
CA LYS A 335 -1.51 -19.43 0.48
C LYS A 335 -1.50 -17.94 0.73
N ILE A 336 -2.22 -17.16 -0.07
CA ILE A 336 -2.42 -15.74 0.18
C ILE A 336 -3.91 -15.44 0.06
N PRO A 337 -4.75 -15.97 0.95
CA PRO A 337 -6.20 -15.79 0.80
C PRO A 337 -6.62 -14.34 0.97
N GLY A 338 -7.71 -13.98 0.31
CA GLY A 338 -8.25 -12.64 0.37
C GLY A 338 -7.62 -11.64 -0.55
N THR A 339 -6.64 -12.05 -1.36
CA THR A 339 -6.02 -11.13 -2.30
C THR A 339 -7.01 -10.75 -3.39
N VAL A 340 -7.10 -9.45 -3.67
CA VAL A 340 -8.00 -8.91 -4.68
C VAL A 340 -7.18 -8.15 -5.71
N VAL A 341 -7.42 -8.45 -6.99
CA VAL A 341 -6.74 -7.79 -8.09
C VAL A 341 -7.73 -6.81 -8.72
N ARG A 342 -7.42 -5.52 -8.62
CA ARG A 342 -8.25 -4.47 -9.21
C ARG A 342 -7.74 -4.04 -10.57
N SER A 343 -6.44 -3.78 -10.68
CA SER A 343 -5.80 -3.46 -11.96
C SER A 343 -5.23 -4.76 -12.51
N SER A 344 -6.07 -5.48 -13.25
CA SER A 344 -5.71 -6.80 -13.79
C SER A 344 -4.92 -6.70 -15.09
N THR A 345 -4.35 -5.54 -15.41
CA THR A 345 -3.56 -5.34 -16.61
C THR A 345 -2.08 -5.17 -16.32
N ILE A 346 -1.68 -5.25 -15.06
CA ILE A 346 -0.27 -5.09 -14.70
C ILE A 346 0.16 -6.12 -13.65
N PRO A 347 0.02 -7.42 -13.89
CA PRO A 347 0.56 -8.40 -12.93
C PRO A 347 2.06 -8.61 -13.06
N GLU A 348 2.66 -8.18 -14.17
CA GLU A 348 4.09 -8.36 -14.40
C GLU A 348 4.93 -7.30 -13.70
N GLN A 349 4.30 -6.25 -13.16
CA GLN A 349 5.05 -5.21 -12.46
C GLN A 349 5.53 -5.66 -11.09
N LEU A 350 4.89 -6.68 -10.51
CA LEU A 350 5.31 -7.19 -9.20
C LEU A 350 6.67 -7.86 -9.26
N GLY A 351 7.15 -8.25 -10.45
CA GLY A 351 8.41 -8.93 -10.60
C GLY A 351 9.61 -8.04 -10.84
N ARG A 352 9.44 -6.72 -10.81
CA ARG A 352 10.57 -5.82 -11.03
C ARG A 352 10.55 -4.63 -10.07
N ILE A 353 10.06 -4.83 -8.85
CA ILE A 353 10.01 -3.76 -7.87
C ILE A 353 11.38 -3.63 -7.21
N SER A 354 11.93 -2.42 -7.23
CA SER A 354 13.23 -2.14 -6.64
C SER A 354 13.13 -1.43 -5.29
N TYR A 355 12.05 -0.69 -5.06
CA TYR A 355 11.85 0.04 -3.82
C TYR A 355 10.45 -0.26 -3.28
N LEU A 356 10.38 -0.59 -1.99
CA LEU A 356 9.12 -0.80 -1.31
C LEU A 356 8.98 0.27 -0.23
N LEU A 357 7.86 0.99 -0.25
CA LEU A 357 7.58 2.04 0.71
C LEU A 357 6.30 1.67 1.46
N THR A 358 6.38 1.63 2.78
CA THR A 358 5.31 1.06 3.60
C THR A 358 4.95 2.00 4.74
N ASP A 359 3.71 1.91 5.18
CA ASP A 359 3.21 2.59 6.35
C ASP A 359 3.43 1.71 7.58
N LYS A 360 3.57 2.35 8.74
CA LYS A 360 3.82 1.62 9.98
C LYS A 360 2.51 1.27 10.70
N THR A 361 1.71 2.27 11.03
CA THR A 361 0.52 2.06 11.84
C THR A 361 -0.54 1.31 11.03
N GLY A 362 -0.80 0.07 11.41
CA GLY A 362 -1.83 -0.73 10.80
C GLY A 362 -1.35 -1.66 9.70
N THR A 363 -0.23 -1.35 9.05
CA THR A 363 0.34 -2.21 8.02
C THR A 363 1.39 -3.15 8.61
N LEU A 364 2.46 -2.59 9.18
CA LEU A 364 3.46 -3.40 9.84
C LEU A 364 3.00 -3.87 11.21
N THR A 365 2.22 -3.06 11.92
CA THR A 365 1.81 -3.35 13.28
C THR A 365 0.34 -3.72 13.33
N GLN A 366 -0.04 -4.36 14.43
CA GLN A 366 -1.42 -4.76 14.68
C GLN A 366 -2.22 -3.68 15.38
N ASN A 367 -1.63 -2.52 15.64
CA ASN A 367 -2.26 -1.44 16.42
C ASN A 367 -2.71 -1.95 17.78
N GLU A 368 -1.85 -2.75 18.41
CA GLU A 368 -2.07 -3.26 19.75
C GLU A 368 -0.77 -3.14 20.53
N MET A 369 -0.86 -2.66 21.76
CA MET A 369 0.29 -2.50 22.65
C MET A 369 0.05 -3.31 23.92
N ILE A 370 1.05 -4.07 24.32
CA ILE A 370 1.01 -4.84 25.56
C ILE A 370 2.32 -4.67 26.33
N PHE A 371 2.26 -4.92 27.63
CA PHE A 371 3.42 -4.79 28.48
C PHE A 371 4.32 -6.01 28.31
N LYS A 372 5.61 -5.77 28.08
CA LYS A 372 6.58 -6.84 27.87
C LYS A 372 7.49 -7.07 29.06
N ARG A 373 8.21 -6.06 29.51
CA ARG A 373 9.29 -6.25 30.46
C ARG A 373 9.16 -5.30 31.64
N LEU A 374 9.34 -5.83 32.85
CA LEU A 374 9.47 -5.03 34.07
C LEU A 374 10.85 -5.32 34.65
N HIS A 375 11.77 -4.37 34.48
CA HIS A 375 13.15 -4.54 34.91
C HIS A 375 13.35 -3.82 36.24
N LEU A 376 13.72 -4.58 37.27
CA LEU A 376 13.98 -4.02 38.59
C LEU A 376 15.47 -3.93 38.90
N GLY A 377 16.32 -4.02 37.88
CA GLY A 377 17.75 -3.91 38.07
C GLY A 377 18.42 -5.23 38.35
N THR A 378 18.13 -5.83 39.50
CA THR A 378 18.73 -7.10 39.88
C THR A 378 18.05 -8.29 39.22
N VAL A 379 16.85 -8.11 38.66
CA VAL A 379 16.13 -9.19 38.01
C VAL A 379 15.07 -8.58 37.11
N ALA A 380 14.91 -9.16 35.92
CA ALA A 380 13.89 -8.73 34.97
C ALA A 380 12.76 -9.76 34.96
N TYR A 381 11.56 -9.27 34.63
CA TYR A 381 10.36 -10.10 34.59
C TYR A 381 9.73 -10.00 33.21
N GLY A 382 9.84 -11.07 32.42
CA GLY A 382 9.27 -11.14 31.10
C GLY A 382 7.82 -11.60 31.12
N LEU A 383 7.31 -11.87 29.92
CA LEU A 383 5.94 -12.35 29.78
C LEU A 383 5.74 -13.72 30.42
N ASP A 384 6.80 -14.49 30.60
CA ASP A 384 6.72 -15.80 31.23
C ASP A 384 6.98 -15.75 32.73
N SER A 385 7.29 -14.58 33.28
CA SER A 385 7.68 -14.45 34.68
C SER A 385 6.77 -13.50 35.44
N MET A 386 5.55 -13.29 34.96
CA MET A 386 4.60 -12.41 35.64
C MET A 386 3.90 -13.09 36.80
N ASP A 387 3.93 -14.42 36.87
CA ASP A 387 3.34 -15.12 38.00
C ASP A 387 4.13 -14.96 39.29
N GLU A 388 5.37 -14.47 39.21
CA GLU A 388 6.12 -14.11 40.41
C GLU A 388 5.81 -12.70 40.89
N VAL A 389 5.59 -11.76 39.96
CA VAL A 389 5.10 -10.44 40.35
C VAL A 389 3.71 -10.55 40.97
N GLN A 390 2.83 -11.35 40.36
CA GLN A 390 1.51 -11.56 40.93
C GLN A 390 1.61 -12.23 42.30
N SER A 391 2.51 -13.21 42.43
CA SER A 391 2.71 -13.86 43.72
C SER A 391 3.22 -12.89 44.78
N HIS A 392 4.14 -11.99 44.42
CA HIS A 392 4.63 -11.01 45.36
C HIS A 392 3.51 -10.08 45.84
N ILE A 393 2.69 -9.60 44.89
CA ILE A 393 1.59 -8.72 45.27
C ILE A 393 0.60 -9.45 46.19
N PHE A 394 0.27 -10.71 45.84
CA PHE A 394 -0.66 -11.49 46.65
C PHE A 394 -0.08 -11.73 48.04
N SER A 395 1.22 -12.03 48.12
CA SER A 395 1.85 -12.26 49.42
C SER A 395 1.82 -11.01 50.27
N ILE A 396 2.11 -9.85 49.68
CA ILE A 396 2.10 -8.62 50.46
C ILE A 396 0.70 -8.32 50.98
N TYR A 397 -0.31 -8.44 50.12
CA TYR A 397 -1.65 -8.08 50.58
C TYR A 397 -2.35 -9.20 51.34
N THR A 398 -1.70 -10.36 51.47
CA THR A 398 -2.16 -11.36 52.43
C THR A 398 -1.48 -11.15 53.78
N GLN A 399 -0.19 -10.79 53.79
CA GLN A 399 0.52 -10.46 55.01
C GLN A 399 0.08 -9.13 55.60
N GLN A 400 -0.65 -8.31 54.84
CA GLN A 400 -1.15 -7.06 55.38
C GLN A 400 -2.06 -7.30 56.58
N SER A 401 -2.92 -8.31 56.51
CA SER A 401 -3.80 -8.66 57.61
C SER A 401 -3.30 -9.84 58.44
N GLN A 402 -2.57 -10.77 57.84
CA GLN A 402 -2.03 -11.91 58.57
C GLN A 402 -0.62 -11.61 59.10
N ARG A 418 15.03 -3.82 51.00
CA ARG A 418 14.18 -4.69 51.81
C ARG A 418 13.87 -5.98 51.07
N THR A 419 12.74 -6.60 51.42
CA THR A 419 12.35 -7.84 50.76
C THR A 419 11.99 -7.58 49.30
N MET A 420 12.17 -8.62 48.48
CA MET A 420 11.92 -8.48 47.05
C MET A 420 10.46 -8.18 46.76
N SER A 421 9.54 -8.75 47.55
CA SER A 421 8.12 -8.48 47.35
C SER A 421 7.81 -7.00 47.51
N SER A 422 8.40 -6.36 48.53
CA SER A 422 8.20 -4.94 48.74
C SER A 422 8.68 -4.09 47.58
N ARG A 423 9.86 -4.39 47.02
CA ARG A 423 10.36 -3.70 45.85
C ARG A 423 9.47 -3.89 44.64
N VAL A 424 9.00 -5.13 44.40
CA VAL A 424 8.10 -5.37 43.28
C VAL A 424 6.80 -4.59 43.45
N HIS A 425 6.24 -4.58 44.67
CA HIS A 425 5.02 -3.83 44.91
C HIS A 425 5.22 -2.34 44.73
N GLU A 426 6.36 -1.81 45.20
CA GLU A 426 6.64 -0.40 45.02
C GLU A 426 6.77 -0.03 43.55
N ALA A 427 7.40 -0.89 42.75
CA ALA A 427 7.50 -0.64 41.32
C ALA A 427 6.17 -0.77 40.61
N VAL A 428 5.31 -1.69 41.03
CA VAL A 428 4.02 -1.88 40.36
C VAL A 428 3.06 -0.75 40.69
N LYS A 429 3.04 -0.30 41.95
CA LYS A 429 2.11 0.75 42.34
C LYS A 429 2.44 2.08 41.65
N ALA A 430 3.73 2.35 41.42
CA ALA A 430 4.11 3.57 40.72
C ALA A 430 3.57 3.56 39.29
N ILE A 431 3.65 2.42 38.62
CA ILE A 431 3.08 2.31 37.28
C ILE A 431 1.56 2.45 37.33
N ALA A 432 0.93 1.85 38.34
CA ALA A 432 -0.52 1.90 38.47
C ALA A 432 -1.04 3.28 38.86
N LEU A 433 -0.18 4.18 39.34
CA LEU A 433 -0.62 5.52 39.70
C LEU A 433 -0.08 6.62 38.81
N CYS A 434 1.16 6.52 38.33
CA CYS A 434 1.76 7.56 37.50
C CYS A 434 1.31 7.37 36.06
N HIS A 435 0.10 7.85 35.77
CA HIS A 435 -0.48 7.74 34.44
C HIS A 435 -1.68 8.69 34.36
N ASN A 436 -2.25 8.79 33.16
CA ASN A 436 -3.38 9.66 32.90
C ASN A 436 -4.52 8.87 32.27
N VAL A 437 -4.82 7.70 32.84
CA VAL A 437 -5.84 6.80 32.34
C VAL A 437 -7.07 6.90 33.22
N THR A 438 -8.24 7.03 32.60
CA THR A 438 -9.50 7.16 33.31
C THR A 438 -10.41 5.99 32.98
N PRO A 439 -10.92 5.27 33.97
CA PRO A 439 -11.85 4.16 33.68
C PRO A 439 -13.16 4.69 33.12
N VAL A 440 -13.77 3.88 32.25
CA VAL A 440 -15.08 4.16 31.69
C VAL A 440 -15.94 2.91 31.89
N TYR A 441 -17.13 3.09 32.45
CA TYR A 441 -18.03 1.99 32.76
C TYR A 441 -19.26 2.08 31.87
N GLU A 442 -19.61 0.96 31.22
CA GLU A 442 -20.76 0.90 30.35
C GLU A 442 -21.72 -0.17 30.86
N SER A 443 -23.00 -0.03 30.49
CA SER A 443 -24.01 -0.99 30.87
C SER A 443 -23.94 -2.21 29.95
N ASN A 444 -23.65 -3.37 30.54
CA ASN A 444 -23.56 -4.60 29.77
C ASN A 444 -24.93 -5.12 29.33
N GLY A 445 -26.01 -4.55 29.83
CA GLY A 445 -27.34 -4.99 29.48
C GLY A 445 -28.14 -5.41 30.70
N VAL A 446 -27.47 -6.06 31.65
CA VAL A 446 -28.11 -6.46 32.90
C VAL A 446 -27.82 -5.45 34.00
N THR A 447 -26.58 -5.03 34.14
CA THR A 447 -26.18 -4.03 35.12
C THR A 447 -26.08 -2.66 34.47
N ASP A 448 -26.70 -1.67 35.11
CA ASP A 448 -26.70 -0.31 34.58
C ASP A 448 -25.32 0.32 34.73
N GLN A 449 -25.13 1.44 34.01
CA GLN A 449 -23.86 2.15 34.08
C GLN A 449 -23.58 2.64 35.50
N ALA A 450 -24.59 3.21 36.16
CA ALA A 450 -24.44 3.62 37.55
C ALA A 450 -24.44 2.44 38.51
N GLU A 451 -24.96 1.29 38.09
CA GLU A 451 -24.96 0.08 38.90
C GLU A 451 -23.58 -0.56 38.97
N ALA A 452 -22.85 -0.59 37.85
CA ALA A 452 -21.53 -1.20 37.84
C ALA A 452 -20.47 -0.33 38.50
N GLU A 453 -20.67 1.00 38.51
CA GLU A 453 -19.65 1.88 39.06
C GLU A 453 -19.46 1.68 40.56
N LYS A 454 -20.56 1.50 41.30
CA LYS A 454 -20.43 1.39 42.76
C LYS A 454 -19.84 0.05 43.19
N GLN A 455 -19.87 -0.96 42.32
CA GLN A 455 -19.25 -2.25 42.61
C GLN A 455 -17.97 -2.48 41.83
N TYR A 456 -17.62 -1.58 40.91
CA TYR A 456 -16.39 -1.67 40.11
C TYR A 456 -16.34 -2.99 39.33
N GLU A 457 -17.31 -3.14 38.42
CA GLU A 457 -17.41 -4.36 37.63
C GLU A 457 -16.23 -4.48 36.68
N ASP A 458 -15.63 -5.67 36.62
CA ASP A 458 -14.47 -5.90 35.76
C ASP A 458 -14.85 -6.03 34.29
N SER A 459 -16.01 -6.63 34.00
CA SER A 459 -16.42 -6.85 32.62
C SER A 459 -16.89 -5.57 31.94
N CYS A 460 -17.31 -4.57 32.72
CA CYS A 460 -17.83 -3.32 32.17
C CYS A 460 -16.83 -2.17 32.24
N ARG A 461 -15.61 -2.41 32.69
CA ARG A 461 -14.62 -1.36 32.87
C ARG A 461 -13.70 -1.31 31.65
N VAL A 462 -13.55 -0.12 31.07
CA VAL A 462 -12.68 0.11 29.93
C VAL A 462 -11.74 1.26 30.26
N TYR A 463 -10.47 1.08 29.95
CA TYR A 463 -9.44 2.09 30.20
C TYR A 463 -9.22 2.92 28.94
N GLN A 464 -9.24 4.24 29.10
CA GLN A 464 -9.11 5.16 27.97
C GLN A 464 -8.06 6.21 28.31
N ALA A 465 -7.17 6.47 27.36
CA ALA A 465 -6.14 7.49 27.55
C ALA A 465 -5.63 7.92 26.18
N SER A 466 -4.96 9.07 26.16
CA SER A 466 -4.37 9.57 24.93
C SER A 466 -3.21 8.68 24.48
N SER A 467 -2.40 8.22 25.43
CA SER A 467 -1.25 7.39 25.10
C SER A 467 -1.61 5.92 25.28
N PRO A 468 -1.55 5.11 24.23
CA PRO A 468 -1.84 3.67 24.39
C PRO A 468 -0.85 2.95 25.29
N ASP A 469 0.37 3.47 25.46
CA ASP A 469 1.33 2.85 26.36
C ASP A 469 0.83 2.89 27.81
N GLU A 470 0.23 4.01 28.22
CA GLU A 470 -0.31 4.09 29.57
C GLU A 470 -1.47 3.13 29.76
N VAL A 471 -2.31 2.95 28.74
CA VAL A 471 -3.39 1.97 28.82
C VAL A 471 -2.81 0.56 28.96
N ALA A 472 -1.74 0.28 28.21
CA ALA A 472 -1.09 -1.03 28.34
C ALA A 472 -0.54 -1.25 29.73
N LEU A 473 0.09 -0.22 30.31
CA LEU A 473 0.62 -0.34 31.67
C LEU A 473 -0.49 -0.58 32.68
N VAL A 474 -1.60 0.16 32.56
CA VAL A 474 -2.72 0.01 33.49
C VAL A 474 -3.33 -1.39 33.36
N GLN A 475 -3.51 -1.86 32.13
CA GLN A 475 -4.05 -3.20 31.92
C GLN A 475 -3.11 -4.28 32.41
N TRP A 476 -1.79 -4.05 32.37
CA TRP A 476 -0.85 -5.01 32.93
C TRP A 476 -0.96 -5.05 34.45
N THR A 477 -0.97 -3.88 35.10
CA THR A 477 -1.15 -3.85 36.55
C THR A 477 -2.48 -4.46 36.96
N GLU A 478 -3.50 -4.41 36.09
CA GLU A 478 -4.74 -5.11 36.36
C GLU A 478 -4.51 -6.61 36.46
N SER A 479 -3.60 -7.14 35.64
CA SER A 479 -3.34 -8.58 35.62
C SER A 479 -2.60 -9.07 36.85
N VAL A 480 -1.75 -8.24 37.47
CA VAL A 480 -0.97 -8.66 38.63
C VAL A 480 -1.71 -8.49 39.94
N GLY A 481 -2.86 -7.82 39.95
CA GLY A 481 -3.64 -7.70 41.17
C GLY A 481 -4.07 -6.29 41.50
N LEU A 482 -3.20 -5.31 41.24
CA LEU A 482 -3.51 -3.91 41.53
C LEU A 482 -4.38 -3.37 40.41
N THR A 483 -5.68 -3.62 40.52
CA THR A 483 -6.65 -3.14 39.55
C THR A 483 -7.08 -1.73 39.91
N LEU A 484 -6.94 -0.81 38.96
CA LEU A 484 -7.42 0.56 39.14
C LEU A 484 -8.86 0.61 38.65
N VAL A 485 -9.77 1.02 39.53
CA VAL A 485 -11.19 0.90 39.28
C VAL A 485 -11.88 2.25 39.10
N GLY A 486 -11.28 3.35 39.57
CA GLY A 486 -11.89 4.65 39.42
C GLY A 486 -10.84 5.74 39.49
N ARG A 487 -11.13 6.85 38.82
CA ARG A 487 -10.23 7.99 38.81
C ARG A 487 -11.04 9.25 38.58
N ASP A 488 -10.74 10.29 39.37
CA ASP A 488 -11.36 11.59 39.21
C ASP A 488 -10.29 12.66 39.05
N GLN A 489 -10.67 13.93 39.09
CA GLN A 489 -9.70 15.00 39.00
C GLN A 489 -8.90 15.19 40.27
N SER A 490 -9.32 14.59 41.38
CA SER A 490 -8.59 14.70 42.63
C SER A 490 -8.55 13.39 43.41
N SER A 491 -8.90 12.26 42.81
CA SER A 491 -8.94 10.99 43.52
C SER A 491 -8.58 9.86 42.57
N MET A 492 -8.10 8.76 43.16
CA MET A 492 -7.72 7.57 42.39
C MET A 492 -7.84 6.37 43.30
N GLN A 493 -8.60 5.36 42.88
CA GLN A 493 -8.86 4.17 43.67
C GLN A 493 -8.20 2.96 43.03
N LEU A 494 -7.56 2.14 43.85
CA LEU A 494 -6.94 0.89 43.40
C LEU A 494 -7.59 -0.27 44.13
N ARG A 495 -7.88 -1.34 43.39
CA ARG A 495 -8.48 -2.55 43.96
C ARG A 495 -7.41 -3.62 44.11
N THR A 496 -7.35 -4.21 45.29
CA THR A 496 -6.30 -5.17 45.64
C THR A 496 -6.85 -6.59 45.62
N PRO A 497 -5.98 -7.60 45.63
CA PRO A 497 -6.48 -8.99 45.69
C PRO A 497 -7.31 -9.29 46.92
N GLY A 498 -7.13 -8.53 48.00
CA GLY A 498 -7.94 -8.71 49.20
C GLY A 498 -9.28 -8.01 49.10
N ASP A 499 -9.59 -7.51 47.90
CA ASP A 499 -10.84 -6.83 47.57
C ASP A 499 -11.01 -5.51 48.31
N GLN A 500 -10.01 -5.05 49.04
CA GLN A 500 -10.07 -3.76 49.70
C GLN A 500 -9.59 -2.67 48.76
N ILE A 501 -10.15 -1.48 48.90
CA ILE A 501 -9.90 -0.37 47.99
C ILE A 501 -9.07 0.68 48.72
N LEU A 502 -7.95 1.07 48.12
CA LEU A 502 -7.13 2.16 48.62
C LEU A 502 -7.56 3.45 47.94
N ASN A 503 -7.69 4.51 48.72
CA ASN A 503 -8.10 5.81 48.21
C ASN A 503 -6.89 6.74 48.19
N PHE A 504 -6.56 7.26 47.01
CA PHE A 504 -5.49 8.22 46.84
C PHE A 504 -6.07 9.55 46.41
N THR A 505 -5.50 10.64 46.92
CA THR A 505 -5.92 11.99 46.55
C THR A 505 -4.87 12.59 45.64
N ILE A 506 -5.28 13.00 44.45
CA ILE A 506 -4.37 13.60 43.47
C ILE A 506 -4.22 15.08 43.82
N LEU A 507 -3.08 15.45 44.39
CA LEU A 507 -2.81 16.83 44.77
C LEU A 507 -2.14 17.62 43.66
N GLN A 508 -1.26 16.99 42.89
CA GLN A 508 -0.59 17.64 41.77
C GLN A 508 -0.44 16.64 40.63
N ILE A 509 -0.62 17.12 39.40
CA ILE A 509 -0.38 16.33 38.21
C ILE A 509 0.36 17.19 37.20
N PHE A 510 1.43 16.65 36.62
CA PHE A 510 2.19 17.31 35.57
C PHE A 510 2.05 16.49 34.29
N PRO A 511 1.12 16.84 33.41
CA PRO A 511 0.84 16.00 32.24
C PRO A 511 2.04 15.89 31.31
N PHE A 512 2.10 14.77 30.61
CA PHE A 512 3.22 14.50 29.72
C PHE A 512 3.22 15.48 28.55
N THR A 513 4.39 16.05 28.27
CA THR A 513 4.58 16.93 27.14
C THR A 513 5.73 16.41 26.28
N TYR A 514 5.62 16.60 24.97
CA TYR A 514 6.62 16.09 24.04
C TYR A 514 7.96 16.81 24.17
N GLU A 515 8.02 17.93 24.88
CA GLU A 515 9.29 18.60 25.13
C GLU A 515 9.99 18.03 26.37
N SER A 516 9.27 17.94 27.49
CA SER A 516 9.85 17.35 28.69
C SER A 516 10.03 15.85 28.55
N LYS A 517 9.12 15.17 27.85
CA LYS A 517 9.14 13.72 27.66
C LYS A 517 9.04 12.98 28.98
N ARG A 518 8.44 13.61 29.99
CA ARG A 518 8.18 12.97 31.28
C ARG A 518 6.80 13.36 31.76
N MET A 519 6.23 12.54 32.63
CA MET A 519 4.99 12.88 33.30
C MET A 519 5.13 12.59 34.79
N GLY A 520 4.67 13.53 35.62
CA GLY A 520 4.74 13.35 37.05
C GLY A 520 3.40 13.49 37.73
N ILE A 521 3.32 13.05 38.99
CA ILE A 521 2.09 13.14 39.76
C ILE A 521 2.46 13.12 41.23
N ILE A 522 1.65 13.78 42.04
CA ILE A 522 1.80 13.80 43.50
C ILE A 522 0.50 13.31 44.11
N VAL A 523 0.59 12.28 44.95
CA VAL A 523 -0.59 11.65 45.53
C VAL A 523 -0.38 11.50 47.04
N ARG A 524 -1.50 11.41 47.75
CA ARG A 524 -1.52 11.14 49.18
C ARG A 524 -2.36 9.89 49.43
N ASP A 525 -1.79 8.93 50.15
CA ASP A 525 -2.53 7.73 50.51
C ASP A 525 -3.37 8.03 51.74
N GLU A 526 -4.69 7.99 51.58
CA GLU A 526 -5.59 8.33 52.68
C GLU A 526 -5.50 7.36 53.85
N SER A 527 -4.99 6.15 53.64
CA SER A 527 -4.80 5.22 54.74
C SER A 527 -3.64 5.62 55.64
N THR A 528 -2.60 6.24 55.05
CA THR A 528 -1.41 6.61 55.80
C THR A 528 -1.15 8.11 55.84
N GLY A 529 -1.54 8.85 54.80
CA GLY A 529 -1.30 10.27 54.73
C GLY A 529 0.04 10.67 54.16
N GLU A 530 0.90 9.70 53.81
CA GLU A 530 2.21 10.01 53.27
C GLU A 530 2.08 10.58 51.86
N ILE A 531 2.88 11.59 51.56
CA ILE A 531 2.89 12.23 50.25
C ILE A 531 3.94 11.55 49.39
N THR A 532 3.55 11.13 48.19
CA THR A 532 4.44 10.45 47.27
C THR A 532 4.47 11.18 45.94
N PHE A 533 5.66 11.33 45.37
CA PHE A 533 5.86 11.98 44.08
C PHE A 533 6.36 10.94 43.09
N TYR A 534 5.61 10.75 42.01
CA TYR A 534 5.95 9.78 40.97
C TYR A 534 6.34 10.50 39.70
N MET A 535 7.30 9.95 38.97
CA MET A 535 7.74 10.54 37.71
C MET A 535 8.22 9.43 36.79
N LYS A 536 7.68 9.40 35.57
CA LYS A 536 8.06 8.42 34.57
C LYS A 536 8.30 9.13 33.23
N GLY A 537 9.23 8.60 32.46
CA GLY A 537 9.57 9.22 31.20
C GLY A 537 10.72 8.49 30.53
N ALA A 538 11.23 9.10 29.46
CA ALA A 538 12.31 8.52 28.70
C ALA A 538 13.60 8.48 29.53
N ASP A 539 14.52 7.60 29.12
CA ASP A 539 15.75 7.44 29.88
C ASP A 539 16.68 8.64 29.72
N VAL A 540 16.64 9.31 28.56
CA VAL A 540 17.57 10.41 28.31
C VAL A 540 17.30 11.57 29.27
N VAL A 541 16.03 11.81 29.61
CA VAL A 541 15.70 12.90 30.51
C VAL A 541 15.76 12.48 31.97
N MET A 542 15.50 11.21 32.27
CA MET A 542 15.49 10.72 33.64
C MET A 542 16.85 10.18 34.08
N ALA A 543 17.87 10.26 33.22
CA ALA A 543 19.19 9.81 33.62
C ALA A 543 19.74 10.64 34.77
N GLY A 544 19.55 11.96 34.73
CA GLY A 544 20.03 12.83 35.79
C GLY A 544 19.09 13.04 36.94
N ILE A 545 17.79 12.79 36.75
CA ILE A 545 16.84 12.95 37.84
C ILE A 545 16.99 11.88 38.91
N VAL A 546 17.25 10.63 38.53
CA VAL A 546 17.34 9.53 39.46
C VAL A 546 18.68 9.55 40.16
N GLN A 547 18.77 8.83 41.27
CA GLN A 547 20.01 8.77 42.04
C GLN A 547 21.05 7.96 41.28
N TYR A 548 22.22 7.80 41.91
CA TYR A 548 23.30 7.05 41.29
C TYR A 548 22.90 5.59 41.15
N ASN A 549 23.18 5.03 39.97
CA ASN A 549 22.95 3.61 39.70
C ASN A 549 23.98 3.15 38.69
N ASP A 550 23.98 1.84 38.43
CA ASP A 550 24.95 1.24 37.51
C ASP A 550 24.30 0.38 36.44
N TRP A 551 22.98 0.42 36.30
CA TRP A 551 22.29 -0.44 35.34
C TRP A 551 21.26 0.27 34.49
N LEU A 552 20.92 1.53 34.76
CA LEU A 552 19.88 2.19 33.97
C LEU A 552 20.33 2.40 32.53
N GLU A 553 21.52 2.98 32.34
CA GLU A 553 21.99 3.30 30.99
C GLU A 553 22.28 2.05 30.16
N GLU A 554 22.46 0.90 30.80
CA GLU A 554 22.72 -0.34 30.09
C GLU A 554 21.45 -1.13 29.81
N GLU A 555 20.63 -1.34 30.85
CA GLU A 555 19.39 -2.10 30.66
C GLU A 555 18.39 -1.34 29.80
N CYS A 556 18.26 -0.02 29.98
CA CYS A 556 17.39 0.74 29.10
C CYS A 556 17.85 0.69 27.66
N GLY A 557 19.17 0.79 27.43
CA GLY A 557 19.68 0.67 26.07
C GLY A 557 19.40 -0.69 25.47
N ASN A 558 19.58 -1.76 26.24
CA ASN A 558 19.29 -3.10 25.73
C ASN A 558 17.82 -3.26 25.40
N MET A 559 16.94 -2.77 26.28
CA MET A 559 15.50 -2.91 26.04
C MET A 559 15.07 -2.08 24.84
N ALA A 560 15.66 -0.90 24.66
CA ALA A 560 15.38 -0.12 23.46
C ALA A 560 15.87 -0.83 22.20
N ARG A 561 17.06 -1.43 22.27
CA ARG A 561 17.59 -2.18 21.13
C ARG A 561 16.75 -3.40 20.80
N GLU A 562 16.03 -3.95 21.78
CA GLU A 562 15.09 -5.03 21.51
C GLU A 562 13.83 -4.54 20.82
N GLY A 563 13.64 -3.23 20.68
CA GLY A 563 12.45 -2.70 20.04
C GLY A 563 11.33 -2.31 20.97
N LEU A 564 11.61 -2.15 22.26
CA LEU A 564 10.60 -1.80 23.26
C LEU A 564 10.61 -0.29 23.52
N ARG A 565 9.48 0.21 24.04
CA ARG A 565 9.37 1.59 24.47
C ARG A 565 9.72 1.66 25.95
N VAL A 566 10.95 2.05 26.25
CA VAL A 566 11.46 2.03 27.61
C VAL A 566 10.96 3.28 28.35
N LEU A 567 10.65 3.10 29.63
CA LEU A 567 10.29 4.18 30.53
C LEU A 567 11.06 4.01 31.82
N VAL A 568 11.42 5.11 32.46
CA VAL A 568 12.14 5.11 33.72
C VAL A 568 11.21 5.65 34.80
N VAL A 569 10.89 4.82 35.77
CA VAL A 569 9.96 5.17 36.84
C VAL A 569 10.78 5.47 38.10
N ALA A 570 10.47 6.59 38.74
CA ALA A 570 11.19 7.05 39.91
C ALA A 570 10.20 7.43 41.00
N LYS A 571 10.71 7.60 42.22
CA LYS A 571 9.89 7.90 43.38
C LYS A 571 10.60 8.93 44.26
N LYS A 572 9.81 9.62 45.06
CA LYS A 572 10.33 10.51 46.09
C LYS A 572 9.25 10.71 47.14
N SER A 573 9.48 10.21 48.35
CA SER A 573 8.52 10.34 49.43
C SER A 573 8.64 11.74 50.03
N LEU A 574 7.54 12.48 50.04
CA LEU A 574 7.52 13.84 50.54
C LEU A 574 6.88 13.89 51.92
N ALA A 575 7.54 14.60 52.83
CA ALA A 575 6.98 14.82 54.15
C ALA A 575 5.93 15.92 54.10
N GLU A 576 5.22 16.10 55.21
CA GLU A 576 4.19 17.13 55.30
C GLU A 576 4.77 18.53 55.45
N GLU A 577 6.09 18.68 55.33
CA GLU A 577 6.76 19.97 55.39
C GLU A 577 7.49 20.32 54.10
N GLN A 578 8.05 19.34 53.41
CA GLN A 578 8.63 19.59 52.09
C GLN A 578 7.57 19.84 51.04
N TYR A 579 6.30 19.60 51.37
CA TYR A 579 5.22 19.84 50.41
C TYR A 579 4.64 21.25 50.54
N GLN A 580 4.65 21.81 51.75
CA GLN A 580 4.04 23.11 51.96
C GLN A 580 4.80 24.21 51.21
N ASP A 581 6.13 24.22 51.35
CA ASP A 581 6.93 25.22 50.64
C ASP A 581 6.89 25.01 49.13
N PHE A 582 6.72 23.78 48.67
CA PHE A 582 6.56 23.52 47.25
C PHE A 582 5.22 24.02 46.72
N GLU A 583 4.13 23.81 47.48
CA GLU A 583 2.82 24.31 47.06
C GLU A 583 2.79 25.83 47.05
N ALA A 584 3.34 26.45 48.11
CA ALA A 584 3.33 27.91 48.19
C ALA A 584 4.11 28.56 47.06
N ARG A 585 5.19 27.91 46.61
CA ARG A 585 5.96 28.41 45.48
C ARG A 585 5.32 28.08 44.13
N TYR A 586 4.67 26.91 44.01
CA TYR A 586 3.99 26.55 42.77
C TYR A 586 2.84 27.51 42.49
N VAL A 587 1.99 27.75 43.49
CA VAL A 587 0.90 28.70 43.27
C VAL A 587 1.43 30.10 43.05
N GLN A 588 2.54 30.48 43.71
CA GLN A 588 3.14 31.78 43.47
C GLN A 588 3.59 31.92 42.03
N ALA A 589 4.21 30.88 41.48
CA ALA A 589 4.57 30.88 40.06
C ALA A 589 3.34 30.89 39.16
N LYS A 590 2.25 30.24 39.56
CA LYS A 590 1.05 30.16 38.75
C LYS A 590 0.31 31.49 38.66
N LEU A 591 0.23 32.25 39.75
CA LEU A 591 -0.45 33.55 39.68
C LEU A 591 0.52 34.67 39.32
N SER A 592 1.26 34.47 38.24
CA SER A 592 2.22 35.44 37.72
C SER A 592 1.72 35.98 36.39
N VAL A 593 2.15 37.21 36.08
CA VAL A 593 1.77 37.87 34.84
C VAL A 593 2.96 38.10 33.93
N HIS A 594 4.10 37.48 34.23
CA HIS A 594 5.32 37.64 33.45
C HIS A 594 6.10 36.34 33.46
N ASP A 595 6.21 35.69 32.30
CA ASP A 595 6.99 34.48 32.11
C ASP A 595 6.52 33.36 33.06
N ARG A 596 5.25 32.98 32.88
CA ARG A 596 4.68 31.93 33.72
C ARG A 596 5.36 30.58 33.48
N SER A 597 5.60 30.25 32.21
CA SER A 597 6.08 28.91 31.86
C SER A 597 7.44 28.63 32.50
N LEU A 598 8.40 29.53 32.29
CA LEU A 598 9.71 29.36 32.91
C LEU A 598 9.65 29.44 34.43
N LYS A 599 8.63 30.10 34.98
CA LYS A 599 8.49 30.15 36.42
C LYS A 599 8.06 28.79 36.99
N VAL A 600 7.05 28.16 36.38
CA VAL A 600 6.59 26.87 36.89
C VAL A 600 7.61 25.78 36.55
N ALA A 601 8.32 25.93 35.44
CA ALA A 601 9.31 24.93 35.07
C ALA A 601 10.39 24.79 36.13
N THR A 602 10.89 25.92 36.64
CA THR A 602 11.88 25.88 37.71
C THR A 602 11.32 25.28 39.00
N VAL A 603 10.07 25.59 39.35
CA VAL A 603 9.47 25.03 40.55
C VAL A 603 9.38 23.51 40.45
N ILE A 604 8.96 22.99 39.30
CA ILE A 604 8.88 21.54 39.14
C ILE A 604 10.27 20.92 39.09
N GLU A 605 11.21 21.56 38.38
CA GLU A 605 12.55 21.02 38.27
C GLU A 605 13.24 20.95 39.62
N SER A 606 13.00 21.94 40.50
CA SER A 606 13.57 21.91 41.83
C SER A 606 13.11 20.70 42.64
N LEU A 607 11.87 20.26 42.45
CA LEU A 607 11.39 19.02 43.04
C LEU A 607 11.90 17.79 42.30
N GLU A 608 12.30 17.94 41.04
CA GLU A 608 12.80 16.82 40.24
C GLU A 608 14.29 16.58 40.50
N MET A 609 14.61 16.28 41.76
CA MET A 609 15.98 15.95 42.16
C MET A 609 15.99 14.71 43.04
N GLU A 610 17.09 13.93 42.92
CA GLU A 610 17.41 12.84 43.84
C GLU A 610 16.24 11.88 44.01
N MET A 611 15.67 11.44 42.89
CA MET A 611 14.55 10.52 42.90
C MET A 611 15.06 9.09 42.91
N GLU A 612 14.49 8.26 43.78
CA GLU A 612 14.93 6.87 43.86
C GLU A 612 14.40 6.08 42.66
N LEU A 613 15.28 5.34 42.01
CA LEU A 613 14.90 4.56 40.84
C LEU A 613 14.17 3.29 41.27
N LEU A 614 13.02 3.03 40.64
CA LEU A 614 12.20 1.87 40.97
C LEU A 614 12.30 0.77 39.93
N CYS A 615 12.01 1.07 38.66
CA CYS A 615 11.94 0.04 37.65
C CYS A 615 11.97 0.68 36.27
N LEU A 616 12.24 -0.17 35.27
CA LEU A 616 12.16 0.21 33.86
C LEU A 616 11.11 -0.67 33.20
N THR A 617 10.26 -0.07 32.37
CA THR A 617 9.16 -0.76 31.74
C THR A 617 9.39 -0.86 30.24
N GLY A 618 8.99 -1.99 29.65
CA GLY A 618 9.07 -2.16 28.22
C GLY A 618 7.72 -2.50 27.62
N VAL A 619 7.23 -1.66 26.72
CA VAL A 619 5.95 -1.86 26.05
C VAL A 619 6.22 -1.99 24.56
N GLU A 620 5.66 -3.02 23.94
CA GLU A 620 5.89 -3.33 22.54
C GLU A 620 4.62 -3.13 21.74
N ASP A 621 4.76 -2.51 20.56
CA ASP A 621 3.66 -2.40 19.61
C ASP A 621 3.62 -3.69 18.80
N GLN A 622 2.57 -4.49 19.01
CA GLN A 622 2.51 -5.82 18.42
C GLN A 622 2.53 -5.73 16.89
N LEU A 623 3.56 -6.32 16.29
CA LEU A 623 3.65 -6.39 14.85
C LEU A 623 2.58 -7.32 14.29
N GLN A 624 2.51 -7.38 12.97
CA GLN A 624 1.62 -8.33 12.32
C GLN A 624 2.34 -9.67 12.14
N ALA A 625 1.57 -10.69 11.76
CA ALA A 625 2.14 -12.03 11.61
C ALA A 625 3.18 -12.05 10.50
N ASP A 626 4.33 -12.66 10.79
CA ASP A 626 5.40 -12.87 9.82
C ASP A 626 5.82 -11.57 9.14
N VAL A 627 6.09 -10.55 9.94
CA VAL A 627 6.60 -9.29 9.41
C VAL A 627 8.11 -9.30 9.29
N ARG A 628 8.81 -9.78 10.33
CA ARG A 628 10.27 -9.89 10.25
C ARG A 628 10.73 -10.82 9.14
N PRO A 629 10.18 -12.05 8.98
CA PRO A 629 10.59 -12.87 7.83
C PRO A 629 10.30 -12.22 6.50
N THR A 630 9.17 -11.53 6.37
CA THR A 630 8.85 -10.87 5.10
C THR A 630 9.82 -9.75 4.79
N LEU A 631 10.16 -8.94 5.79
CA LEU A 631 11.13 -7.87 5.59
C LEU A 631 12.49 -8.44 5.22
N GLU A 632 12.90 -9.52 5.88
CA GLU A 632 14.18 -10.14 5.52
C GLU A 632 14.15 -10.71 4.11
N THR A 633 13.03 -11.33 3.71
CA THR A 633 12.90 -11.84 2.35
C THR A 633 13.02 -10.72 1.33
N LEU A 634 12.33 -9.60 1.57
CA LEU A 634 12.40 -8.48 0.63
C LEU A 634 13.78 -7.84 0.62
N ARG A 635 14.48 -7.84 1.75
CA ARG A 635 15.83 -7.29 1.78
C ARG A 635 16.81 -8.19 1.04
N ASN A 636 16.61 -9.51 1.12
CA ASN A 636 17.51 -10.45 0.47
C ASN A 636 17.41 -10.41 -1.04
N ALA A 637 16.32 -9.86 -1.59
CA ALA A 637 16.12 -9.79 -3.03
C ALA A 637 16.50 -8.45 -3.63
N GLY A 638 17.19 -7.60 -2.87
CA GLY A 638 17.60 -6.31 -3.36
C GLY A 638 16.56 -5.23 -3.29
N ILE A 639 15.40 -5.50 -2.71
CA ILE A 639 14.35 -4.49 -2.56
C ILE A 639 14.70 -3.61 -1.38
N LYS A 640 14.80 -2.30 -1.62
CA LYS A 640 15.04 -1.35 -0.54
C LYS A 640 13.71 -0.97 0.09
N VAL A 641 13.59 -1.17 1.39
CA VAL A 641 12.35 -0.95 2.12
C VAL A 641 12.50 0.34 2.93
N TRP A 642 11.64 1.31 2.64
CA TRP A 642 11.55 2.55 3.39
C TRP A 642 10.21 2.60 4.11
N MET A 643 10.22 3.02 5.37
CA MET A 643 9.00 3.15 6.15
C MET A 643 8.61 4.62 6.19
N LEU A 644 7.53 4.97 5.50
CA LEU A 644 6.97 6.31 5.51
C LEU A 644 5.70 6.28 6.35
N THR A 645 5.77 6.89 7.54
CA THR A 645 4.68 6.84 8.49
C THR A 645 4.33 8.24 8.96
N GLY A 646 3.08 8.41 9.37
CA GLY A 646 2.59 9.66 9.93
C GLY A 646 2.71 9.77 11.43
N ASP A 647 3.37 8.80 12.08
CA ASP A 647 3.49 8.78 13.52
C ASP A 647 4.72 9.56 13.99
N LYS A 648 4.94 9.55 15.29
CA LYS A 648 6.03 10.31 15.90
C LYS A 648 7.37 9.61 15.68
N LEU A 649 8.44 10.32 16.04
CA LEU A 649 9.78 9.78 15.85
C LEU A 649 10.03 8.55 16.70
N GLU A 650 9.61 8.60 17.97
CA GLU A 650 9.94 7.54 18.91
C GLU A 650 9.24 6.23 18.55
N THR A 651 7.93 6.29 18.27
CA THR A 651 7.21 5.07 17.92
C THR A 651 7.71 4.49 16.60
N ALA A 652 8.01 5.36 15.63
CA ALA A 652 8.53 4.88 14.36
C ALA A 652 9.88 4.20 14.53
N THR A 653 10.77 4.77 15.34
CA THR A 653 12.06 4.14 15.58
C THR A 653 11.92 2.83 16.34
N CYS A 654 11.02 2.78 17.33
CA CYS A 654 10.79 1.55 18.06
C CYS A 654 10.27 0.45 17.15
N THR A 655 9.35 0.78 16.23
CA THR A 655 8.85 -0.23 15.31
C THR A 655 9.91 -0.62 14.27
N ALA A 656 10.75 0.32 13.85
CA ALA A 656 11.84 0.00 12.94
C ALA A 656 12.80 -1.00 13.58
N LYS A 657 13.11 -0.79 14.86
CA LYS A 657 13.97 -1.74 15.56
C LYS A 657 13.27 -3.07 15.82
N ASN A 658 11.96 -3.02 16.09
CA ASN A 658 11.21 -4.23 16.40
C ASN A 658 11.05 -5.13 15.18
N ALA A 659 10.85 -4.53 14.01
CA ALA A 659 10.63 -5.29 12.78
C ALA A 659 11.92 -5.64 12.07
N HIS A 660 13.07 -5.33 12.66
CA HIS A 660 14.38 -5.57 12.05
C HIS A 660 14.51 -4.88 10.70
N LEU A 661 13.78 -3.77 10.51
CA LEU A 661 14.04 -2.90 9.38
C LEU A 661 15.44 -2.31 9.45
N VAL A 662 16.01 -2.24 10.66
CA VAL A 662 17.42 -1.90 10.87
C VAL A 662 18.05 -3.04 11.66
N THR A 663 19.25 -3.46 11.27
CA THR A 663 19.92 -4.54 11.96
C THR A 663 20.34 -4.09 13.36
N ARG A 664 20.59 -5.08 14.23
CA ARG A 664 20.92 -4.78 15.61
C ARG A 664 22.21 -3.98 15.71
N ASN A 665 23.22 -4.32 14.92
CA ASN A 665 24.48 -3.60 14.92
C ASN A 665 24.45 -2.35 14.04
N GLN A 666 23.34 -2.10 13.34
CA GLN A 666 23.27 -0.94 12.45
C GLN A 666 23.25 0.36 13.25
N ASP A 667 24.00 1.34 12.76
CA ASP A 667 23.99 2.68 13.33
C ASP A 667 22.82 3.48 12.76
N ILE A 668 22.21 4.30 13.59
CA ILE A 668 21.07 5.12 13.20
C ILE A 668 21.41 6.58 13.43
N HIS A 669 21.25 7.40 12.39
CA HIS A 669 21.43 8.85 12.49
C HIS A 669 20.04 9.49 12.45
N VAL A 670 19.73 10.25 13.48
CA VAL A 670 18.45 10.95 13.56
C VAL A 670 18.63 12.35 13.00
N PHE A 671 17.84 12.68 11.98
CA PHE A 671 17.90 13.99 11.35
C PHE A 671 17.27 15.03 12.26
N ARG A 672 18.06 16.01 12.69
CA ARG A 672 17.59 17.02 13.60
C ARG A 672 16.60 17.96 12.90
N LEU A 673 16.05 18.89 13.67
CA LEU A 673 15.11 19.87 13.15
C LEU A 673 15.88 20.98 12.44
N VAL A 674 15.81 20.99 11.11
CA VAL A 674 16.42 22.05 10.31
C VAL A 674 15.32 22.94 9.79
N THR A 675 15.62 24.24 9.64
CA THR A 675 14.63 25.23 9.26
C THR A 675 14.97 26.01 8.01
N ASN A 676 16.21 25.95 7.52
CA ASN A 676 16.62 26.77 6.40
C ASN A 676 17.72 26.07 5.61
N ARG A 677 18.24 26.79 4.60
CA ARG A 677 19.24 26.22 3.71
C ARG A 677 20.57 26.00 4.43
N GLY A 678 21.03 27.00 5.18
CA GLY A 678 22.30 26.88 5.88
C GLY A 678 22.29 25.78 6.92
N GLU A 679 21.20 25.67 7.67
CA GLU A 679 21.08 24.59 8.64
C GLU A 679 21.00 23.24 7.97
N ALA A 680 20.48 23.19 6.73
CA ALA A 680 20.40 21.91 6.03
C ALA A 680 21.76 21.47 5.48
N HIS A 681 22.58 22.42 5.03
CA HIS A 681 23.94 22.05 4.58
C HIS A 681 24.69 21.28 5.66
N LEU A 682 24.71 21.82 6.88
CA LEU A 682 25.52 21.24 7.94
C LEU A 682 25.05 19.83 8.28
N GLU A 683 23.73 19.64 8.42
CA GLU A 683 23.24 18.32 8.80
C GLU A 683 23.40 17.32 7.66
N LEU A 684 23.18 17.75 6.41
CA LEU A 684 23.38 16.84 5.28
C LEU A 684 24.85 16.41 5.20
N ASN A 685 25.77 17.35 5.37
CA ASN A 685 27.19 16.99 5.33
C ASN A 685 27.56 16.07 6.48
N ALA A 686 27.06 16.35 7.68
CA ALA A 686 27.36 15.52 8.84
C ALA A 686 26.85 14.10 8.64
N PHE A 687 25.65 13.95 8.08
CA PHE A 687 25.18 12.62 7.73
C PHE A 687 26.02 11.99 6.64
N ARG A 688 26.54 12.80 5.71
CA ARG A 688 27.40 12.27 4.66
C ARG A 688 28.69 11.69 5.24
N ARG A 689 29.22 12.27 6.32
CA ARG A 689 30.42 11.71 6.93
C ARG A 689 30.18 10.33 7.55
N LYS A 690 28.92 9.92 7.74
CA LYS A 690 28.61 8.61 8.29
C LYS A 690 28.64 7.55 7.20
N HIS A 691 28.78 6.29 7.63
CA HIS A 691 28.90 5.16 6.72
C HIS A 691 28.01 4.03 7.18
N ASP A 692 27.23 3.47 6.26
CA ASP A 692 26.38 2.30 6.52
C ASP A 692 25.47 2.52 7.71
N CYS A 693 24.85 3.71 7.76
CA CYS A 693 24.03 4.11 8.89
C CYS A 693 22.64 4.48 8.38
N ALA A 694 21.61 3.88 8.96
CA ALA A 694 20.24 4.16 8.56
C ALA A 694 19.86 5.59 8.95
N LEU A 695 18.90 6.14 8.23
CA LEU A 695 18.48 7.52 8.40
C LEU A 695 17.04 7.56 8.90
N VAL A 696 16.82 8.29 10.00
CA VAL A 696 15.48 8.58 10.50
C VAL A 696 15.31 10.09 10.45
N ILE A 697 14.30 10.54 9.70
CA ILE A 697 14.10 11.95 9.43
C ILE A 697 12.63 12.30 9.67
N SER A 698 12.40 13.49 10.22
CA SER A 698 11.06 13.98 10.43
C SER A 698 10.53 14.63 9.15
N GLY A 699 9.22 14.84 9.12
CA GLY A 699 8.61 15.46 7.96
C GLY A 699 9.05 16.91 7.76
N ASP A 700 9.22 17.63 8.88
CA ASP A 700 9.60 19.05 8.79
C ASP A 700 10.99 19.22 8.19
N SER A 701 11.95 18.40 8.61
CA SER A 701 13.28 18.44 8.00
C SER A 701 13.27 17.92 6.57
N LEU A 702 12.42 16.93 6.28
CA LEU A 702 12.29 16.42 4.93
C LEU A 702 11.80 17.51 3.98
N GLU A 703 10.87 18.34 4.43
CA GLU A 703 10.37 19.42 3.59
C GLU A 703 11.51 20.36 3.18
N VAL A 704 12.33 20.78 4.15
CA VAL A 704 13.43 21.69 3.84
C VAL A 704 14.44 21.01 2.92
N CYS A 705 14.78 19.76 3.20
CA CYS A 705 15.78 19.06 2.39
C CYS A 705 15.30 18.87 0.96
N LEU A 706 14.02 18.53 0.78
CA LEU A 706 13.49 18.34 -0.56
C LEU A 706 13.27 19.67 -1.28
N LYS A 707 13.02 20.75 -0.55
CA LYS A 707 12.84 22.04 -1.19
C LYS A 707 14.17 22.63 -1.65
N TYR A 708 15.23 22.46 -0.86
CA TYR A 708 16.50 23.12 -1.14
C TYR A 708 17.59 22.17 -1.64
N TYR A 709 17.54 20.89 -1.26
CA TYR A 709 18.65 19.98 -1.54
C TYR A 709 18.12 18.73 -2.25
N GLU A 710 17.32 18.94 -3.30
CA GLU A 710 16.60 17.85 -3.95
C GLU A 710 17.54 16.74 -4.40
N TYR A 711 18.64 17.10 -5.07
CA TYR A 711 19.58 16.10 -5.55
C TYR A 711 20.36 15.44 -4.41
N GLU A 712 20.91 16.25 -3.51
CA GLU A 712 21.83 15.73 -2.50
C GLU A 712 21.12 14.79 -1.53
N PHE A 713 19.91 15.16 -1.10
CA PHE A 713 19.22 14.35 -0.12
C PHE A 713 18.96 12.94 -0.65
N MET A 714 18.49 12.83 -1.89
CA MET A 714 18.22 11.51 -2.42
C MET A 714 19.49 10.77 -2.82
N GLU A 715 20.53 11.48 -3.28
CA GLU A 715 21.78 10.79 -3.56
C GLU A 715 22.42 10.26 -2.28
N LEU A 716 22.05 10.83 -1.13
CA LEU A 716 22.52 10.28 0.15
C LEU A 716 21.57 9.25 0.73
N ALA A 717 20.27 9.34 0.41
CA ALA A 717 19.29 8.42 0.98
C ALA A 717 19.19 7.11 0.20
N CYS A 718 19.49 7.13 -1.10
CA CYS A 718 19.45 5.89 -1.87
C CYS A 718 20.58 4.95 -1.50
N GLN A 719 21.68 5.48 -0.98
CA GLN A 719 22.79 4.64 -0.51
C GLN A 719 22.52 4.06 0.88
N CYS A 720 21.53 4.57 1.59
CA CYS A 720 21.25 4.09 2.93
C CYS A 720 20.72 2.66 2.89
N PRO A 721 21.07 1.83 3.88
CA PRO A 721 20.46 0.50 3.97
C PRO A 721 18.95 0.56 4.16
N ALA A 722 18.46 1.56 4.90
CA ALA A 722 17.04 1.75 5.10
C ALA A 722 16.79 3.20 5.48
N VAL A 723 15.58 3.68 5.19
CA VAL A 723 15.19 5.05 5.45
C VAL A 723 13.88 5.05 6.20
N VAL A 724 13.83 5.76 7.32
CA VAL A 724 12.63 5.95 8.12
C VAL A 724 12.27 7.43 8.08
N CYS A 725 11.03 7.73 7.68
CA CYS A 725 10.57 9.11 7.59
C CYS A 725 9.23 9.20 8.31
N CYS A 726 9.24 9.77 9.51
CA CYS A 726 8.07 9.87 10.37
C CYS A 726 7.37 11.20 10.20
N ARG A 727 6.11 11.23 10.61
CA ARG A 727 5.26 12.42 10.50
C ARG A 727 5.22 12.93 9.06
N CYS A 728 4.94 12.01 8.13
CA CYS A 728 4.83 12.33 6.72
C CYS A 728 3.38 12.66 6.37
N ALA A 729 3.17 13.82 5.76
CA ALA A 729 1.88 14.10 5.16
C ALA A 729 1.68 13.21 3.94
N PRO A 730 0.43 12.88 3.59
CA PRO A 730 0.20 12.05 2.41
C PRO A 730 0.82 12.63 1.14
N THR A 731 0.78 13.95 0.99
CA THR A 731 1.47 14.59 -0.13
C THR A 731 2.97 14.36 -0.07
N GLN A 732 3.57 14.38 1.12
CA GLN A 732 4.99 14.09 1.24
C GLN A 732 5.31 12.64 0.89
N LYS A 733 4.45 11.69 1.28
CA LYS A 733 4.65 10.30 0.89
C LYS A 733 4.58 10.14 -0.63
N ALA A 734 3.57 10.76 -1.25
CA ALA A 734 3.48 10.69 -2.71
C ALA A 734 4.67 11.36 -3.38
N GLN A 735 5.16 12.47 -2.81
CA GLN A 735 6.34 13.12 -3.35
C GLN A 735 7.57 12.23 -3.25
N ILE A 736 7.72 11.52 -2.13
CA ILE A 736 8.83 10.59 -1.97
C ILE A 736 8.76 9.49 -3.03
N VAL A 737 7.56 8.95 -3.25
CA VAL A 737 7.39 7.93 -4.30
C VAL A 737 7.77 8.51 -5.66
N ARG A 738 7.32 9.74 -5.94
CA ARG A 738 7.57 10.35 -7.24
C ARG A 738 9.06 10.59 -7.48
N LEU A 739 9.79 11.08 -6.47
CA LEU A 739 11.22 11.23 -6.63
C LEU A 739 11.92 9.88 -6.78
N LEU A 740 11.48 8.86 -6.04
CA LEU A 740 12.10 7.55 -6.21
C LEU A 740 11.89 7.03 -7.63
N GLN A 741 10.72 7.29 -8.21
CA GLN A 741 10.49 6.92 -9.61
C GLN A 741 11.34 7.75 -10.56
N GLU A 742 11.50 9.04 -10.29
CA GLU A 742 12.15 9.93 -11.24
C GLU A 742 13.67 9.80 -11.21
N ARG A 743 14.29 10.08 -10.06
CA ARG A 743 15.74 10.22 -10.00
C ARG A 743 16.48 8.89 -10.07
N THR A 744 15.78 7.76 -9.96
CA THR A 744 16.41 6.45 -10.09
C THR A 744 15.94 5.68 -11.31
N GLY A 745 14.69 5.88 -11.75
CA GLY A 745 14.19 5.15 -12.90
C GLY A 745 13.81 3.71 -12.63
N LYS A 746 13.64 3.35 -11.37
CA LYS A 746 13.30 1.99 -10.98
C LYS A 746 11.89 1.95 -10.39
N LEU A 747 11.23 0.81 -10.59
CA LEU A 747 9.85 0.66 -10.14
C LEU A 747 9.76 0.73 -8.61
N THR A 748 8.70 1.36 -8.12
CA THR A 748 8.47 1.52 -6.70
C THR A 748 7.11 0.93 -6.33
N CYS A 749 7.05 0.29 -5.16
CA CYS A 749 5.83 -0.27 -4.63
C CYS A 749 5.48 0.43 -3.33
N ALA A 750 4.18 0.68 -3.12
CA ALA A 750 3.71 1.36 -1.94
C ALA A 750 2.67 0.50 -1.23
N VAL A 751 2.86 0.29 0.07
CA VAL A 751 1.98 -0.52 0.90
C VAL A 751 1.38 0.36 1.98
N GLY A 752 0.08 0.24 2.19
CA GLY A 752 -0.59 1.05 3.21
C GLY A 752 -1.93 0.47 3.56
N ASP A 753 -2.53 1.03 4.61
CA ASP A 753 -3.81 0.56 5.12
C ASP A 753 -4.84 1.66 5.35
N GLY A 754 -4.42 2.93 5.47
CA GLY A 754 -5.32 4.01 5.76
C GLY A 754 -5.48 4.97 4.59
N GLY A 755 -6.29 6.00 4.82
CA GLY A 755 -6.52 7.00 3.80
C GLY A 755 -5.33 7.88 3.50
N ASN A 756 -4.36 7.95 4.42
CA ASN A 756 -3.16 8.75 4.19
C ASN A 756 -2.17 8.05 3.27
N ASP A 757 -2.36 6.78 2.96
CA ASP A 757 -1.50 6.04 2.05
C ASP A 757 -2.05 5.99 0.63
N VAL A 758 -3.27 6.48 0.41
CA VAL A 758 -3.89 6.38 -0.90
C VAL A 758 -3.09 7.17 -1.94
N SER A 759 -2.59 8.34 -1.55
CA SER A 759 -1.85 9.18 -2.50
C SER A 759 -0.60 8.46 -3.00
N MET A 760 0.17 7.87 -2.08
CA MET A 760 1.39 7.19 -2.49
C MET A 760 1.11 5.85 -3.14
N ILE A 761 -0.02 5.22 -2.81
CA ILE A 761 -0.42 4.00 -3.50
C ILE A 761 -0.75 4.29 -4.96
N GLN A 762 -1.49 5.37 -5.20
CA GLN A 762 -1.83 5.74 -6.58
C GLN A 762 -0.60 6.24 -7.33
N GLU A 763 0.27 6.99 -6.66
CA GLU A 763 1.48 7.49 -7.31
C GLU A 763 2.42 6.35 -7.70
N SER A 764 2.50 5.32 -6.87
CA SER A 764 3.46 4.24 -7.08
C SER A 764 3.12 3.45 -8.34
N ASP A 765 4.16 2.83 -8.91
CA ASP A 765 3.97 1.99 -10.09
C ASP A 765 3.11 0.77 -9.78
N CYS A 766 3.20 0.25 -8.55
CA CYS A 766 2.36 -0.85 -8.10
C CYS A 766 1.98 -0.59 -6.65
N GLY A 767 0.71 -0.25 -6.44
CA GLY A 767 0.22 0.10 -5.11
C GLY A 767 -0.55 -1.07 -4.51
N VAL A 768 -0.14 -1.46 -3.30
CA VAL A 768 -0.76 -2.55 -2.57
C VAL A 768 -1.44 -1.98 -1.33
N GLY A 769 -2.70 -2.35 -1.13
CA GLY A 769 -3.46 -1.84 -0.01
C GLY A 769 -3.86 -2.90 0.99
N VAL A 770 -3.26 -2.85 2.17
CA VAL A 770 -3.60 -3.78 3.25
C VAL A 770 -4.94 -3.38 3.84
N GLU A 771 -5.86 -4.34 3.95
CA GLU A 771 -7.18 -4.05 4.50
C GLU A 771 -7.06 -3.72 5.97
N GLY A 772 -7.36 -2.46 6.31
CA GLY A 772 -7.28 -2.03 7.69
C GLY A 772 -8.43 -2.55 8.53
N LYS A 773 -8.24 -2.47 9.84
CA LYS A 773 -9.26 -2.96 10.77
C LYS A 773 -10.47 -2.04 10.82
N GLU A 774 -10.26 -0.74 10.62
CA GLU A 774 -11.34 0.24 10.70
C GLU A 774 -11.46 1.10 9.46
N GLY A 775 -10.82 0.72 8.36
CA GLY A 775 -10.91 1.49 7.13
C GLY A 775 -10.53 0.64 5.94
N LYS A 776 -11.09 0.99 4.78
CA LYS A 776 -10.85 0.23 3.56
C LYS A 776 -10.43 1.11 2.39
N GLN A 777 -10.07 2.37 2.62
CA GLN A 777 -9.78 3.27 1.52
C GLN A 777 -8.53 2.84 0.75
N ALA A 778 -7.47 2.50 1.46
CA ALA A 778 -6.26 2.03 0.79
C ALA A 778 -6.50 0.72 0.06
N SER A 779 -7.31 -0.17 0.63
CA SER A 779 -7.66 -1.41 -0.05
C SER A 779 -8.46 -1.12 -1.32
N LEU A 780 -9.39 -0.17 -1.25
CA LEU A 780 -10.24 0.13 -2.39
C LEU A 780 -9.53 0.90 -3.49
N ALA A 781 -8.47 1.65 -3.15
CA ALA A 781 -7.78 2.49 -4.12
C ALA A 781 -6.44 1.93 -4.54
N ALA A 782 -6.23 0.63 -4.43
CA ALA A 782 -4.97 -0.01 -4.78
C ALA A 782 -5.16 -1.01 -5.92
N ASP A 783 -4.10 -1.21 -6.69
CA ASP A 783 -4.13 -2.20 -7.77
C ASP A 783 -4.34 -3.61 -7.22
N PHE A 784 -3.60 -3.96 -6.16
CA PHE A 784 -3.72 -5.25 -5.50
C PHE A 784 -4.01 -5.01 -4.02
N SER A 785 -5.02 -5.69 -3.51
CA SER A 785 -5.42 -5.58 -2.11
C SER A 785 -5.13 -6.90 -1.40
N ILE A 786 -4.35 -6.84 -0.33
CA ILE A 786 -4.03 -8.01 0.47
C ILE A 786 -4.58 -7.81 1.87
N THR A 787 -4.87 -8.92 2.54
CA THR A 787 -5.39 -8.88 3.90
C THR A 787 -4.29 -8.79 4.95
N GLN A 788 -3.08 -9.28 4.64
CA GLN A 788 -1.99 -9.30 5.60
C GLN A 788 -0.71 -8.86 4.92
N PHE A 789 0.21 -8.32 5.73
CA PHE A 789 1.48 -7.86 5.19
C PHE A 789 2.34 -9.02 4.71
N LYS A 790 2.25 -10.18 5.38
CA LYS A 790 3.09 -11.31 5.02
C LYS A 790 2.78 -11.85 3.63
N HIS A 791 1.57 -11.61 3.11
CA HIS A 791 1.22 -12.04 1.77
C HIS A 791 2.03 -11.31 0.70
N LEU A 792 2.64 -10.18 1.05
CA LEU A 792 3.44 -9.43 0.09
C LEU A 792 4.63 -10.24 -0.41
N GLY A 793 5.25 -11.02 0.47
CA GLY A 793 6.40 -11.82 0.04
C GLY A 793 6.04 -12.79 -1.06
N ARG A 794 4.96 -13.55 -0.87
CA ARG A 794 4.51 -14.46 -1.91
C ARG A 794 4.06 -13.71 -3.15
N LEU A 795 3.29 -12.63 -2.99
CA LEU A 795 2.79 -11.89 -4.14
C LEU A 795 3.93 -11.36 -5.00
N LEU A 796 5.05 -10.99 -4.39
CA LEU A 796 6.18 -10.47 -5.14
C LEU A 796 7.08 -11.58 -5.69
N MET A 797 7.28 -12.66 -4.93
CA MET A 797 8.26 -13.67 -5.32
C MET A 797 7.70 -14.73 -6.26
N VAL A 798 6.41 -15.01 -6.20
CA VAL A 798 5.80 -16.06 -7.02
C VAL A 798 4.88 -15.47 -8.07
N HIS A 799 3.80 -14.81 -7.65
CA HIS A 799 2.78 -14.34 -8.58
C HIS A 799 3.25 -13.19 -9.45
N GLY A 800 4.34 -12.53 -9.09
CA GLY A 800 4.89 -11.48 -9.91
C GLY A 800 5.99 -11.99 -10.82
N ARG A 801 6.89 -12.79 -10.26
CA ARG A 801 7.96 -13.37 -11.04
C ARG A 801 7.42 -14.27 -12.15
N ASN A 802 6.45 -15.13 -11.82
CA ASN A 802 5.87 -16.02 -12.82
C ASN A 802 5.18 -15.23 -13.92
N SER A 803 4.39 -14.22 -13.53
CA SER A 803 3.68 -13.42 -14.53
C SER A 803 4.66 -12.70 -15.45
N TYR A 804 5.70 -12.10 -14.89
CA TYR A 804 6.69 -11.40 -15.71
C TYR A 804 7.37 -12.36 -16.67
N LYS A 805 7.84 -13.51 -16.16
CA LYS A 805 8.58 -14.44 -17.00
C LYS A 805 7.69 -15.02 -18.10
N ARG A 806 6.46 -15.41 -17.75
CA ARG A 806 5.55 -15.98 -18.75
C ARG A 806 5.18 -14.96 -19.81
N SER A 807 4.89 -13.72 -19.41
CA SER A 807 4.58 -12.69 -20.40
C SER A 807 5.74 -12.45 -21.34
N ALA A 808 6.96 -12.34 -20.79
CA ALA A 808 8.13 -12.13 -21.65
C ALA A 808 8.31 -13.29 -22.62
N ALA A 809 8.21 -14.52 -22.12
CA ALA A 809 8.43 -15.69 -22.97
C ALA A 809 7.39 -15.77 -24.08
N LEU A 810 6.11 -15.60 -23.75
CA LEU A 810 5.07 -15.70 -24.76
C LEU A 810 5.15 -14.56 -25.78
N SER A 811 5.45 -13.33 -25.33
CA SER A 811 5.58 -12.23 -26.27
C SER A 811 6.74 -12.46 -27.23
N GLN A 812 7.89 -12.86 -26.70
CA GLN A 812 9.04 -13.12 -27.56
C GLN A 812 8.79 -14.28 -28.52
N PHE A 813 8.08 -15.33 -28.07
CA PHE A 813 7.79 -16.42 -28.98
C PHE A 813 6.81 -16.02 -30.08
N VAL A 814 5.80 -15.21 -29.76
CA VAL A 814 4.87 -14.75 -30.79
C VAL A 814 5.62 -13.90 -31.82
N ILE A 815 6.47 -12.99 -31.34
CA ILE A 815 7.26 -12.17 -32.26
C ILE A 815 8.16 -13.05 -33.11
N HIS A 816 8.75 -14.09 -32.52
CA HIS A 816 9.61 -15.00 -33.26
C HIS A 816 8.84 -15.73 -34.35
N ARG A 817 7.64 -16.22 -34.02
CA ARG A 817 6.82 -16.91 -35.01
C ARG A 817 6.49 -16.01 -36.18
N SER A 818 6.06 -14.77 -35.89
CA SER A 818 5.70 -13.85 -36.97
C SER A 818 6.92 -13.47 -37.80
N LEU A 819 8.06 -13.27 -37.16
CA LEU A 819 9.28 -12.95 -37.91
C LEU A 819 9.71 -14.08 -38.81
N CYS A 820 9.63 -15.33 -38.32
CA CYS A 820 9.97 -16.47 -39.16
C CYS A 820 9.04 -16.58 -40.36
N ILE A 821 7.73 -16.43 -40.12
CA ILE A 821 6.77 -16.48 -41.21
C ILE A 821 7.08 -15.39 -42.25
N SER A 822 7.30 -14.16 -41.79
CA SER A 822 7.56 -13.06 -42.71
C SER A 822 8.85 -13.29 -43.49
N THR A 823 9.89 -13.78 -42.83
CA THR A 823 11.16 -13.99 -43.52
C THR A 823 11.05 -15.05 -44.62
N MET A 824 10.44 -16.19 -44.31
CA MET A 824 10.41 -17.24 -45.32
C MET A 824 9.41 -16.89 -46.42
N GLN A 825 8.33 -16.18 -46.07
CA GLN A 825 7.36 -15.73 -47.05
C GLN A 825 7.86 -14.57 -47.90
N ALA A 826 8.89 -13.86 -47.43
CA ALA A 826 9.62 -12.95 -48.30
C ALA A 826 10.54 -13.68 -49.25
N VAL A 827 11.18 -14.75 -48.78
CA VAL A 827 11.98 -15.58 -49.68
C VAL A 827 11.09 -16.17 -50.78
N PHE A 828 9.89 -16.64 -50.41
CA PHE A 828 8.97 -17.22 -51.38
C PHE A 828 8.58 -16.23 -52.47
N SER A 829 8.21 -15.01 -52.11
CA SER A 829 7.76 -14.02 -53.06
C SER A 829 8.89 -13.45 -53.90
N SER A 830 10.14 -13.75 -53.56
CA SER A 830 11.29 -13.17 -54.23
C SER A 830 12.01 -14.17 -55.14
N VAL A 831 12.22 -15.41 -54.68
CA VAL A 831 13.08 -16.34 -55.40
C VAL A 831 12.29 -17.48 -56.06
N PHE A 832 10.96 -17.35 -56.15
CA PHE A 832 10.16 -18.40 -56.77
C PHE A 832 9.45 -17.94 -58.04
N TYR A 833 8.76 -16.80 -58.01
CA TYR A 833 8.13 -16.29 -59.22
C TYR A 833 8.49 -14.82 -59.44
N PHE A 834 8.56 -14.06 -58.35
CA PHE A 834 8.92 -12.64 -58.31
C PHE A 834 7.80 -11.77 -58.88
N ALA A 835 6.81 -12.37 -59.53
CA ALA A 835 5.60 -11.66 -59.95
C ALA A 835 4.52 -12.62 -60.42
N SER A 836 3.37 -12.64 -59.75
CA SER A 836 2.19 -13.38 -60.20
C SER A 836 1.05 -13.11 -59.24
N VAL A 837 -0.17 -13.21 -59.76
CA VAL A 837 -1.39 -13.17 -58.95
C VAL A 837 -1.44 -14.40 -58.03
N PRO A 838 -1.16 -15.62 -58.51
CA PRO A 838 -1.18 -16.78 -57.60
C PRO A 838 -0.20 -16.69 -56.44
N LEU A 839 0.69 -15.69 -56.42
CA LEU A 839 1.53 -15.49 -55.25
C LEU A 839 0.70 -15.18 -54.02
N TYR A 840 -0.31 -14.32 -54.17
CA TYR A 840 -1.10 -13.90 -53.02
C TYR A 840 -1.94 -15.02 -52.43
N GLN A 841 -2.37 -15.99 -53.24
CA GLN A 841 -3.02 -17.16 -52.68
C GLN A 841 -2.07 -17.96 -51.80
N GLY A 842 -0.80 -18.03 -52.16
CA GLY A 842 0.21 -18.59 -51.28
C GLY A 842 0.65 -17.56 -50.24
N PHE A 843 0.51 -16.28 -50.58
CA PHE A 843 0.85 -15.23 -49.63
C PHE A 843 -0.40 -14.86 -48.82
N LEU A 844 -1.18 -15.87 -48.43
CA LEU A 844 -2.23 -15.70 -47.43
C LEU A 844 -2.35 -16.96 -46.61
N ILE A 845 -1.63 -18.01 -47.02
CA ILE A 845 -1.81 -19.35 -46.49
C ILE A 845 -0.60 -19.84 -45.72
N ILE A 846 0.60 -19.42 -46.12
CA ILE A 846 1.82 -19.83 -45.43
C ILE A 846 2.01 -18.94 -44.21
N GLY A 847 1.15 -17.94 -44.06
CA GLY A 847 1.11 -17.14 -42.86
C GLY A 847 -0.15 -17.45 -42.09
N TYR A 848 -0.89 -18.45 -42.57
CA TYR A 848 -2.11 -18.92 -41.94
C TYR A 848 -1.86 -20.13 -41.05
N SER A 849 -0.58 -20.48 -40.83
CA SER A 849 -0.26 -21.65 -40.01
C SER A 849 -0.60 -21.40 -38.54
N THR A 850 -0.77 -20.15 -38.15
CA THR A 850 -1.02 -19.83 -36.75
C THR A 850 -2.46 -20.09 -36.37
N ILE A 851 -2.96 -21.29 -36.64
CA ILE A 851 -4.25 -21.75 -36.16
C ILE A 851 -4.00 -23.11 -35.50
N TYR A 852 -2.91 -23.76 -35.92
CA TYR A 852 -2.52 -25.05 -35.38
C TYR A 852 -1.48 -24.97 -34.29
N THR A 853 -0.71 -23.89 -34.21
CA THR A 853 0.34 -23.73 -33.20
C THR A 853 -0.04 -22.69 -32.16
N MET A 854 -1.29 -22.22 -32.19
CA MET A 854 -1.76 -21.19 -31.27
C MET A 854 -1.97 -21.72 -29.86
N PHE A 855 -2.50 -22.95 -29.72
CA PHE A 855 -2.65 -23.54 -28.39
C PHE A 855 -1.30 -23.79 -27.73
N PRO A 856 -0.29 -24.37 -28.41
CA PRO A 856 1.01 -24.55 -27.74
C PRO A 856 1.74 -23.25 -27.46
N VAL A 857 1.25 -22.14 -28.00
CA VAL A 857 1.82 -20.83 -27.69
C VAL A 857 1.08 -20.25 -26.50
N PHE A 858 -0.20 -20.58 -26.36
CA PHE A 858 -0.93 -20.22 -25.14
C PHE A 858 -0.75 -21.26 -24.05
N SER A 859 0.26 -22.11 -24.17
CA SER A 859 0.61 -23.04 -23.10
C SER A 859 1.84 -22.59 -22.34
N LEU A 860 2.47 -21.46 -22.69
CA LEU A 860 3.60 -20.93 -21.95
C LEU A 860 3.20 -20.16 -20.71
N VAL A 861 1.90 -19.88 -20.54
CA VAL A 861 1.41 -19.28 -19.30
C VAL A 861 1.32 -20.27 -18.16
N LEU A 862 1.55 -21.55 -18.44
CA LEU A 862 1.59 -22.59 -17.42
C LEU A 862 3.01 -22.99 -17.05
N ASP A 863 4.01 -22.25 -17.52
CA ASP A 863 5.40 -22.61 -17.33
C ASP A 863 5.95 -21.99 -16.05
N LYS A 864 6.82 -22.73 -15.38
CA LYS A 864 7.54 -22.26 -14.21
C LYS A 864 8.97 -22.73 -14.29
N ASP A 865 9.91 -21.85 -13.94
CA ASP A 865 11.32 -22.24 -13.92
C ASP A 865 11.68 -22.98 -12.63
N VAL A 866 11.20 -22.51 -11.49
CA VAL A 866 11.41 -23.15 -10.20
C VAL A 866 10.07 -23.29 -9.49
N LYS A 867 10.03 -24.18 -8.51
CA LYS A 867 8.82 -24.43 -7.75
C LYS A 867 8.50 -23.22 -6.87
N SER A 868 7.22 -23.08 -6.51
CA SER A 868 6.78 -21.96 -5.70
C SER A 868 7.46 -21.95 -4.34
N GLU A 869 7.79 -23.12 -3.79
CA GLU A 869 8.49 -23.21 -2.53
C GLU A 869 9.98 -22.96 -2.66
N VAL A 870 10.51 -22.91 -3.89
CA VAL A 870 11.92 -22.64 -4.09
C VAL A 870 12.19 -21.15 -4.28
N ALA A 871 11.29 -20.44 -4.97
CA ALA A 871 11.45 -18.99 -5.10
C ALA A 871 11.35 -18.31 -3.75
N MET A 872 10.42 -18.76 -2.90
CA MET A 872 10.29 -18.19 -1.56
C MET A 872 11.51 -18.50 -0.70
N LEU A 873 12.01 -19.73 -0.77
CA LEU A 873 13.17 -20.10 0.03
C LEU A 873 14.46 -19.48 -0.48
N TYR A 874 14.50 -19.08 -1.75
CA TYR A 874 15.67 -18.44 -2.35
C TYR A 874 15.23 -17.14 -3.01
N PRO A 875 15.03 -16.08 -2.24
CA PRO A 875 14.61 -14.79 -2.84
C PRO A 875 15.64 -14.19 -3.77
N GLU A 876 16.88 -14.70 -3.78
CA GLU A 876 17.91 -14.15 -4.64
C GLU A 876 17.61 -14.35 -6.12
N LEU A 877 16.64 -15.21 -6.46
CA LEU A 877 16.22 -15.33 -7.85
C LEU A 877 15.58 -14.04 -8.36
N TYR A 878 15.04 -13.22 -7.44
CA TYR A 878 14.41 -11.97 -7.81
C TYR A 878 15.44 -10.94 -8.28
N LYS A 879 16.65 -10.99 -7.74
CA LYS A 879 17.69 -10.06 -8.16
C LYS A 879 18.08 -10.24 -9.62
N ASP A 880 17.78 -11.40 -10.21
CA ASP A 880 17.98 -11.57 -11.64
C ASP A 880 16.93 -10.82 -12.44
N LEU A 881 15.66 -10.89 -12.02
CA LEU A 881 14.61 -10.14 -12.69
C LEU A 881 14.80 -8.64 -12.52
N LEU A 882 15.39 -8.21 -11.40
CA LEU A 882 15.65 -6.79 -11.22
C LEU A 882 16.62 -6.23 -12.26
N LYS A 883 17.36 -7.09 -12.95
CA LYS A 883 18.27 -6.68 -14.00
C LYS A 883 17.64 -6.68 -15.39
N GLY A 884 16.38 -7.10 -15.50
CA GLY A 884 15.71 -7.14 -16.79
C GLY A 884 16.08 -8.30 -17.67
N ARG A 885 16.43 -9.44 -17.09
CA ARG A 885 16.83 -10.60 -17.88
C ARG A 885 15.74 -11.15 -18.79
N PRO A 886 14.49 -11.35 -18.34
CA PRO A 886 13.52 -12.04 -19.22
C PRO A 886 13.29 -11.36 -20.56
N LEU A 887 13.29 -10.03 -20.61
CA LEU A 887 13.15 -9.30 -21.87
C LEU A 887 14.25 -8.25 -21.95
N SER A 888 15.10 -8.37 -22.96
CA SER A 888 16.20 -7.45 -23.16
C SER A 888 16.41 -7.27 -24.66
N TYR A 889 17.49 -6.60 -25.02
CA TYR A 889 17.86 -6.50 -26.44
C TYR A 889 18.64 -7.71 -26.90
N LYS A 890 19.41 -8.34 -26.01
CA LYS A 890 20.17 -9.53 -26.40
C LYS A 890 19.24 -10.70 -26.71
N THR A 891 18.26 -10.95 -25.84
CA THR A 891 17.32 -12.05 -26.08
C THR A 891 16.48 -11.78 -27.33
N PHE A 892 16.04 -10.54 -27.52
CA PHE A 892 15.26 -10.21 -28.70
C PHE A 892 16.09 -10.38 -29.97
N LEU A 893 17.35 -9.96 -29.94
CA LEU A 893 18.23 -10.14 -31.09
C LEU A 893 18.45 -11.62 -31.39
N ILE A 894 18.64 -12.42 -30.35
CA ILE A 894 18.82 -13.86 -30.55
C ILE A 894 17.57 -14.48 -31.17
N TRP A 895 16.40 -14.08 -30.68
CA TRP A 895 15.16 -14.58 -31.27
C TRP A 895 15.01 -14.13 -32.71
N VAL A 896 15.43 -12.90 -33.02
CA VAL A 896 15.36 -12.41 -34.40
C VAL A 896 16.25 -13.26 -35.32
N LEU A 897 17.48 -13.52 -34.87
CA LEU A 897 18.38 -14.35 -35.67
C LEU A 897 17.83 -15.77 -35.83
N ILE A 898 17.26 -16.33 -34.77
CA ILE A 898 16.67 -17.67 -34.86
C ILE A 898 15.54 -17.69 -35.86
N SER A 899 14.66 -16.68 -35.82
CA SER A 899 13.53 -16.65 -36.73
C SER A 899 13.98 -16.50 -38.18
N ILE A 900 14.94 -15.60 -38.43
CA ILE A 900 15.45 -15.43 -39.78
C ILE A 900 16.10 -16.70 -40.29
N TYR A 901 16.91 -17.36 -39.44
CA TYR A 901 17.54 -18.61 -39.85
C TYR A 901 16.51 -19.68 -40.14
N GLN A 902 15.48 -19.80 -39.29
CA GLN A 902 14.48 -20.83 -39.51
C GLN A 902 13.71 -20.60 -40.80
N GLY A 903 13.28 -19.35 -41.05
CA GLY A 903 12.56 -19.08 -42.28
C GLY A 903 13.40 -19.31 -43.53
N SER A 904 14.63 -18.78 -43.52
CA SER A 904 15.51 -18.96 -44.67
C SER A 904 15.80 -20.44 -44.90
N THR A 905 16.11 -21.18 -43.83
CA THR A 905 16.38 -22.60 -43.97
C THR A 905 15.19 -23.34 -44.54
N ILE A 906 14.00 -23.13 -43.97
CA ILE A 906 12.82 -23.85 -44.44
C ILE A 906 12.59 -23.57 -45.92
N MET A 907 12.55 -22.30 -46.31
CA MET A 907 12.18 -22.03 -47.69
C MET A 907 13.29 -22.41 -48.68
N TYR A 908 14.53 -22.06 -48.39
CA TYR A 908 15.63 -22.40 -49.29
C TYR A 908 15.80 -23.91 -49.42
N GLY A 909 15.73 -24.65 -48.30
CA GLY A 909 15.82 -26.09 -48.39
C GLY A 909 14.68 -26.71 -49.16
N ALA A 910 13.45 -26.22 -48.93
CA ALA A 910 12.32 -26.73 -49.68
C ALA A 910 12.49 -26.50 -51.18
N LEU A 911 12.94 -25.31 -51.58
CA LEU A 911 13.14 -25.04 -52.99
C LEU A 911 14.29 -25.82 -53.62
N LEU A 912 15.42 -25.94 -52.92
CA LEU A 912 16.58 -26.61 -53.49
C LEU A 912 16.43 -28.12 -53.53
N LEU A 913 15.81 -28.72 -52.51
CA LEU A 913 15.67 -30.18 -52.49
C LEU A 913 14.81 -30.67 -53.65
N PHE A 914 13.75 -29.96 -53.96
CA PHE A 914 12.79 -30.42 -54.97
C PHE A 914 12.01 -29.23 -55.49
N GLU A 915 11.81 -29.18 -56.81
CA GLU A 915 11.16 -28.04 -57.47
C GLU A 915 10.36 -28.55 -58.66
N SER A 916 9.05 -28.70 -58.48
CA SER A 916 8.14 -29.05 -59.58
C SER A 916 7.16 -27.93 -59.88
N GLU A 917 6.39 -27.50 -58.88
CA GLU A 917 5.38 -26.46 -59.07
C GLU A 917 4.93 -25.98 -57.69
N PHE A 918 3.90 -25.13 -57.70
CA PHE A 918 3.56 -24.36 -56.49
C PHE A 918 2.88 -25.22 -55.43
N VAL A 919 1.95 -26.09 -55.83
CA VAL A 919 1.16 -26.80 -54.84
C VAL A 919 1.87 -28.02 -54.27
N HIS A 920 2.96 -28.47 -54.88
CA HIS A 920 3.79 -29.51 -54.29
C HIS A 920 4.90 -28.96 -53.40
N ILE A 921 5.10 -27.64 -53.38
CA ILE A 921 6.04 -27.02 -52.47
C ILE A 921 5.33 -26.32 -51.31
N VAL A 922 4.10 -25.85 -51.57
CA VAL A 922 3.29 -25.24 -50.52
C VAL A 922 3.04 -26.24 -49.39
N ALA A 923 2.74 -27.49 -49.75
CA ALA A 923 2.49 -28.51 -48.74
C ALA A 923 3.71 -28.78 -47.88
N ILE A 924 4.88 -28.90 -48.52
CA ILE A 924 6.13 -29.15 -47.79
C ILE A 924 6.45 -28.00 -46.85
N SER A 925 6.38 -26.76 -47.35
CA SER A 925 6.70 -25.62 -46.51
C SER A 925 5.75 -25.49 -45.33
N PHE A 926 4.45 -25.70 -45.55
CA PHE A 926 3.48 -25.55 -44.48
C PHE A 926 3.71 -26.55 -43.35
N THR A 927 3.86 -27.84 -43.69
CA THR A 927 4.07 -28.84 -42.66
C THR A 927 5.42 -28.66 -41.97
N SER A 928 6.46 -28.30 -42.73
CA SER A 928 7.74 -28.04 -42.09
C SER A 928 7.67 -26.89 -41.10
N LEU A 929 6.98 -25.80 -41.45
CA LEU A 929 6.81 -24.69 -40.52
C LEU A 929 6.02 -25.08 -39.29
N ILE A 930 4.93 -25.84 -39.45
CA ILE A 930 4.15 -26.26 -38.29
C ILE A 930 4.98 -27.13 -37.36
N LEU A 931 5.68 -28.13 -37.91
CA LEU A 931 6.48 -29.01 -37.07
C LEU A 931 7.62 -28.24 -36.40
N THR A 932 8.26 -27.32 -37.11
CA THR A 932 9.32 -26.53 -36.51
C THR A 932 8.78 -25.68 -35.37
N GLU A 933 7.61 -25.07 -35.54
CA GLU A 933 7.06 -24.26 -34.47
C GLU A 933 6.67 -25.10 -33.27
N LEU A 934 6.12 -26.30 -33.49
CA LEU A 934 5.79 -27.17 -32.36
C LEU A 934 7.04 -27.59 -31.61
N LEU A 935 8.09 -27.97 -32.33
CA LEU A 935 9.35 -28.33 -31.68
C LEU A 935 9.93 -27.16 -30.92
N MET A 936 9.87 -25.95 -31.48
CA MET A 936 10.36 -24.77 -30.78
C MET A 936 9.54 -24.47 -29.53
N VAL A 937 8.23 -24.72 -29.56
CA VAL A 937 7.42 -24.61 -28.36
C VAL A 937 7.91 -25.58 -27.30
N ALA A 938 8.18 -26.83 -27.70
CA ALA A 938 8.68 -27.80 -26.75
C ALA A 938 10.08 -27.47 -26.25
N LEU A 939 10.81 -26.61 -26.99
CA LEU A 939 12.19 -26.30 -26.61
C LEU A 939 12.26 -25.35 -25.43
N THR A 940 11.36 -24.36 -25.39
CA THR A 940 11.47 -23.30 -24.39
C THR A 940 10.95 -23.74 -23.02
N ILE A 941 10.20 -24.84 -22.96
CA ILE A 941 9.61 -25.28 -21.71
C ILE A 941 10.71 -25.71 -20.74
N GLN A 942 10.56 -25.30 -19.48
CA GLN A 942 11.48 -25.69 -18.40
C GLN A 942 10.94 -26.83 -17.56
N THR A 943 9.72 -26.67 -17.03
CA THR A 943 9.02 -27.74 -16.35
C THR A 943 7.72 -28.03 -17.10
N TRP A 944 7.48 -29.30 -17.40
CA TRP A 944 6.38 -29.68 -18.27
C TRP A 944 5.09 -29.87 -17.48
N HIS A 945 4.02 -29.29 -18.01
CA HIS A 945 2.67 -29.45 -17.47
C HIS A 945 1.87 -30.29 -18.46
N TRP A 946 0.89 -31.03 -17.92
CA TRP A 946 0.15 -31.95 -18.77
C TRP A 946 -0.70 -31.23 -19.81
N LEU A 947 -1.16 -30.02 -19.51
CA LEU A 947 -1.95 -29.27 -20.47
C LEU A 947 -1.12 -28.88 -21.70
N MET A 948 0.16 -28.57 -21.52
CA MET A 948 1.01 -28.35 -22.69
C MET A 948 1.12 -29.62 -23.53
N THR A 949 1.21 -30.79 -22.90
CA THR A 949 1.27 -32.04 -23.65
C THR A 949 -0.01 -32.26 -24.45
N VAL A 950 -1.17 -32.05 -23.81
CA VAL A 950 -2.43 -32.25 -24.54
C VAL A 950 -2.60 -31.23 -25.64
N ALA A 951 -2.14 -29.99 -25.44
CA ALA A 951 -2.21 -29.00 -26.51
C ALA A 951 -1.32 -29.37 -27.68
N GLU A 952 -0.09 -29.81 -27.41
CA GLU A 952 0.82 -30.21 -28.47
C GLU A 952 0.30 -31.42 -29.23
N LEU A 953 -0.31 -32.38 -28.53
CA LEU A 953 -0.88 -33.54 -29.21
C LEU A 953 -2.13 -33.20 -30.00
N LEU A 954 -3.00 -32.34 -29.46
CA LEU A 954 -4.19 -31.92 -30.20
C LEU A 954 -3.83 -31.13 -31.44
N SER A 955 -2.77 -30.32 -31.40
CA SER A 955 -2.34 -29.61 -32.59
C SER A 955 -1.95 -30.57 -33.71
N LEU A 956 -1.15 -31.59 -33.38
CA LEU A 956 -0.75 -32.57 -34.39
C LEU A 956 -1.96 -33.36 -34.88
N ALA A 957 -2.88 -33.72 -33.98
CA ALA A 957 -4.07 -34.44 -34.39
C ALA A 957 -4.90 -33.62 -35.36
N CYS A 958 -5.08 -32.32 -35.07
CA CYS A 958 -5.82 -31.45 -35.97
C CYS A 958 -5.13 -31.29 -37.31
N TYR A 959 -3.80 -31.16 -37.31
CA TYR A 959 -3.09 -31.02 -38.58
C TYR A 959 -3.19 -32.29 -39.42
N ILE A 960 -3.08 -33.46 -38.79
CA ILE A 960 -3.25 -34.71 -39.52
C ILE A 960 -4.66 -34.84 -40.06
N ALA A 961 -5.66 -34.43 -39.26
CA ALA A 961 -7.04 -34.46 -39.73
C ALA A 961 -7.23 -33.55 -40.94
N SER A 962 -6.61 -32.36 -40.90
CA SER A 962 -6.66 -31.46 -42.05
C SER A 962 -5.99 -32.03 -43.28
N LEU A 963 -4.82 -32.66 -43.12
CA LEU A 963 -4.13 -33.29 -44.24
C LEU A 963 -4.80 -34.56 -44.72
N VAL A 964 -5.74 -35.11 -43.94
CA VAL A 964 -6.49 -36.30 -44.34
C VAL A 964 -7.77 -35.92 -45.09
N PHE A 965 -8.51 -34.94 -44.57
CA PHE A 965 -9.75 -34.52 -45.22
C PHE A 965 -9.49 -33.94 -46.60
N LEU A 966 -8.45 -33.11 -46.73
CA LEU A 966 -8.15 -32.51 -48.02
C LEU A 966 -7.61 -33.53 -49.01
N HIS A 967 -7.04 -34.64 -48.54
CA HIS A 967 -6.51 -35.65 -49.44
C HIS A 967 -7.62 -36.29 -50.27
N GLU A 968 -8.76 -36.60 -49.65
CA GLU A 968 -9.87 -37.20 -50.38
C GLU A 968 -10.46 -36.23 -51.39
N PHE A 969 -10.59 -34.95 -51.02
CA PHE A 969 -11.20 -33.97 -51.91
C PHE A 969 -10.20 -33.49 -52.96
N ILE A 970 -9.11 -32.89 -52.52
CA ILE A 970 -8.10 -32.35 -53.43
C ILE A 970 -7.02 -33.41 -53.65
N ASP A 971 -6.65 -33.62 -54.91
CA ASP A 971 -5.64 -34.62 -55.23
C ASP A 971 -4.28 -34.15 -54.76
N VAL A 972 -3.92 -34.51 -53.53
CA VAL A 972 -2.67 -34.07 -52.90
C VAL A 972 -1.87 -35.31 -52.51
N TYR A 973 -1.95 -36.36 -53.34
CA TYR A 973 -1.36 -37.67 -53.04
C TYR A 973 0.13 -37.59 -52.70
N PHE A 974 0.73 -36.41 -52.87
CA PHE A 974 2.13 -36.23 -52.47
C PHE A 974 2.34 -36.57 -51.00
N ILE A 975 1.35 -36.28 -50.15
CA ILE A 975 1.53 -36.45 -48.71
C ILE A 975 1.76 -37.92 -48.37
N ALA A 976 0.98 -38.82 -48.97
CA ALA A 976 1.05 -40.24 -48.64
C ALA A 976 2.12 -40.96 -49.45
N THR A 977 3.33 -40.43 -49.45
CA THR A 977 4.48 -41.05 -50.10
C THR A 977 5.66 -41.05 -49.14
N LEU A 978 6.76 -41.67 -49.57
CA LEU A 978 7.99 -41.67 -48.80
C LEU A 978 8.88 -40.48 -49.12
N SER A 979 8.82 -39.98 -50.35
CA SER A 979 9.62 -38.81 -50.72
C SER A 979 9.19 -37.59 -49.92
N PHE A 980 7.94 -37.57 -49.45
CA PHE A 980 7.46 -36.45 -48.66
C PHE A 980 8.05 -36.47 -47.25
N LEU A 981 8.13 -37.67 -46.65
CA LEU A 981 8.50 -37.78 -45.25
C LEU A 981 9.93 -37.34 -44.99
N TRP A 982 10.89 -37.87 -45.75
CA TRP A 982 12.28 -37.49 -45.55
C TRP A 982 12.53 -36.03 -45.92
N LYS A 983 11.86 -35.51 -46.95
CA LYS A 983 11.98 -34.11 -47.32
C LYS A 983 11.43 -33.17 -46.26
N VAL A 984 10.35 -33.54 -45.58
CA VAL A 984 9.89 -32.74 -44.44
C VAL A 984 10.82 -32.86 -43.25
N SER A 985 11.26 -34.09 -42.93
CA SER A 985 12.03 -34.33 -41.71
C SER A 985 13.47 -33.88 -41.79
N VAL A 986 14.04 -33.70 -42.99
CA VAL A 986 15.37 -33.12 -43.06
C VAL A 986 15.36 -31.63 -42.79
N ILE A 987 14.36 -30.91 -43.29
CA ILE A 987 14.23 -29.48 -43.01
C ILE A 987 13.85 -29.28 -41.56
N THR A 988 12.93 -30.11 -41.05
CA THR A 988 12.56 -30.01 -39.64
C THR A 988 13.71 -30.38 -38.71
N LEU A 989 14.66 -31.18 -39.17
CA LEU A 989 15.86 -31.53 -38.41
C LEU A 989 16.95 -30.46 -38.50
N VAL A 990 17.07 -29.77 -39.63
CA VAL A 990 18.10 -28.74 -39.78
C VAL A 990 17.61 -27.37 -39.34
N SER A 991 16.31 -27.20 -39.10
CA SER A 991 15.76 -25.93 -38.64
C SER A 991 15.69 -25.83 -37.12
N CYS A 992 15.30 -26.90 -36.43
CA CYS A 992 15.09 -26.84 -34.99
C CYS A 992 16.25 -27.42 -34.20
N LEU A 993 16.62 -28.67 -34.50
CA LEU A 993 17.61 -29.44 -33.75
C LEU A 993 18.98 -28.77 -33.59
N PRO A 994 19.47 -27.96 -34.53
CA PRO A 994 20.68 -27.18 -34.22
C PRO A 994 20.50 -26.25 -33.02
N LEU A 995 19.30 -25.72 -32.81
CA LEU A 995 19.03 -24.95 -31.60
C LEU A 995 18.82 -25.87 -30.40
N TYR A 996 18.36 -27.10 -30.64
CA TYR A 996 18.31 -28.10 -29.58
C TYR A 996 19.70 -28.35 -29.00
N VAL A 997 20.68 -28.54 -29.89
CA VAL A 997 22.06 -28.80 -29.48
C VAL A 997 22.58 -27.59 -28.73
N LEU A 998 22.27 -26.39 -29.24
CA LEU A 998 22.74 -25.16 -28.60
C LEU A 998 22.15 -25.00 -27.21
N LYS A 999 20.86 -25.31 -27.04
CA LYS A 999 20.21 -25.22 -25.74
C LYS A 999 20.79 -26.23 -24.75
N TYR A 1000 21.02 -27.46 -25.22
CA TYR A 1000 21.59 -28.48 -24.35
C TYR A 1000 23.00 -28.12 -23.92
N LEU A 1001 23.79 -27.57 -24.85
CA LEU A 1001 25.14 -27.13 -24.51
C LEU A 1001 25.12 -25.90 -23.64
N ARG A 1002 24.10 -25.05 -23.77
CA ARG A 1002 23.93 -23.94 -22.83
C ARG A 1002 23.63 -24.44 -21.43
N ARG A 1003 22.79 -25.47 -21.32
CA ARG A 1003 22.50 -26.12 -20.06
C ARG A 1003 23.76 -26.67 -19.44
N ARG A 1004 24.57 -27.37 -20.24
CA ARG A 1004 25.79 -28.00 -19.74
C ARG A 1004 26.85 -26.98 -19.34
N PHE A 1005 27.28 -26.15 -20.31
CA PHE A 1005 28.41 -25.26 -20.07
C PHE A 1005 28.06 -24.14 -19.09
N SER A 1006 26.88 -23.54 -19.24
CA SER A 1006 26.47 -22.38 -18.44
C SER A 1006 25.10 -22.64 -17.82
N PRO A 1007 25.04 -23.44 -16.77
CA PRO A 1007 23.76 -23.69 -16.09
C PRO A 1007 23.18 -22.40 -15.55
N PRO A 1008 21.85 -22.25 -15.56
CA PRO A 1008 21.19 -21.04 -15.04
C PRO A 1008 21.39 -20.86 -13.54
#